data_3AUO
#
_entry.id   3AUO
#
_cell.length_a   95.445
_cell.length_b   96.941
_cell.length_c   143.428
_cell.angle_alpha   90.000
_cell.angle_beta   90.000
_cell.angle_gamma   90.000
#
_symmetry.space_group_name_H-M   'P 21 21 21'
#
loop_
_entity.id
_entity.type
_entity.pdbx_description
1 polymer 'DNA polymerase beta family (X family)'
2 polymer '1-nt gapped DNA'
3 non-polymer "2'-3'-DIDEOXYGUANOSINE-5'-TRIPHOSPHATE"
4 non-polymer 'MAGNESIUM ION'
5 non-polymer 'ZINC ION'
6 water water
#
loop_
_entity_poly.entity_id
_entity_poly.type
_entity_poly.pdbx_seq_one_letter_code
_entity_poly.pdbx_strand_id
1 'polypeptide(L)'
;MRNQELARIFEEIGLMSEFLGDNPFRVRAYHQAARTLYDLDTPIEEIAEKGKEALMELPGVGPDLAEKILEFLRTGKVRK
HEELSRKVPRGVLEVMEVPGVGPKTARLLYEGLGIDSLEKLKAALDRGDLTRLKGFGPKRAERIREGLALAQAAGKRRPL
GAVLSLARSLLEAIRALPGVERAELCGSARRYKDTVGDLDFLVASREGERAVEGFVRLPQVKEVYAKGKERATVFLKNGL
QVDLRVVPPESYGAGLQYLTGSKAHSIRLRALAQEKGLKLSEYGVFRGEKRIAGETEEEVYAALGLPWIPPPLREDQGEV
EAALEGRLPKLLELPQVKGDLQVHSTYSDGQNTLEELWEAAKTMGYRYLAVTDHSPAVRVAGGPSPEEALKRVGEIRRFN
ETHGPPYLLAGAEVDIHPDGTLDYPDWVLRELDLVLVSVHSRFNLPKADQTKRLLKALENPFVHVLAHPTARLLGRRAPI
EADWEAVFQKAKEKGVAVEIDGYYDRMDLPDDLARMAYGMGLWISLSTDAHQTDHLRFMELAVGTAQRAWIGPERVLNTL
DYEDLLSWLKARRGV
;
A,B
2 'polydeoxyribonucleotide'
;(DG)(DC)(DC)(DG)(DT)(DT)(DT)(DT)(DC)(DG)(DG)(DC)(DC)(DC)(DG)(DA)(DC)(DT)(DG)(DT)
(DT)(DT)(DT)(DC)(DA)(DG)(DT)(DC)(DDG)
;
D,E
#
# COMPACT_ATOMS: atom_id res chain seq x y z
N MET A 1 13.39 6.58 7.46
CA MET A 1 13.39 5.92 6.12
C MET A 1 12.62 4.59 6.12
N ARG A 2 12.07 4.26 4.96
CA ARG A 2 11.38 2.99 4.70
C ARG A 2 11.56 2.61 3.23
N ASN A 3 12.69 3.04 2.66
CA ASN A 3 13.05 2.72 1.29
C ASN A 3 13.54 1.29 1.25
N GLN A 4 14.18 0.86 2.33
CA GLN A 4 14.84 -0.45 2.42
C GLN A 4 13.85 -1.61 2.23
N GLU A 5 12.65 -1.45 2.78
CA GLU A 5 11.59 -2.44 2.61
C GLU A 5 11.02 -2.40 1.19
N LEU A 6 10.66 -1.20 0.74
CA LEU A 6 10.03 -1.03 -0.58
C LEU A 6 11.00 -1.32 -1.74
N ALA A 7 12.30 -1.14 -1.49
CA ALA A 7 13.33 -1.55 -2.45
C ALA A 7 13.33 -3.07 -2.61
N ARG A 8 13.15 -3.76 -1.48
CA ARG A 8 13.03 -5.21 -1.48
C ARG A 8 11.71 -5.67 -2.11
N ILE A 9 10.64 -4.88 -1.92
CA ILE A 9 9.32 -5.28 -2.40
C ILE A 9 9.21 -5.31 -3.92
N PHE A 10 9.71 -4.28 -4.60
CA PHE A 10 9.74 -4.29 -6.06
C PHE A 10 10.75 -5.32 -6.57
N GLU A 11 11.91 -5.38 -5.95
CA GLU A 11 12.91 -6.41 -6.27
C GLU A 11 12.26 -7.79 -6.31
N GLU A 12 11.34 -8.04 -5.38
CA GLU A 12 10.61 -9.31 -5.31
C GLU A 12 9.57 -9.46 -6.43
N ILE A 13 8.86 -8.37 -6.75
CA ILE A 13 7.89 -8.39 -7.85
C ILE A 13 8.60 -8.72 -9.16
N GLY A 14 9.75 -8.09 -9.37
CA GLY A 14 10.59 -8.35 -10.53
C GLY A 14 11.11 -9.78 -10.59
N LEU A 15 11.56 -10.31 -9.45
CA LEU A 15 12.12 -11.66 -9.40
C LEU A 15 11.06 -12.75 -9.56
N MET A 16 9.94 -12.60 -8.85
CA MET A 16 8.81 -13.52 -8.99
C MET A 16 8.27 -13.52 -10.43
N SER A 17 8.22 -12.34 -11.05
CA SER A 17 7.79 -12.21 -12.44
C SER A 17 8.80 -12.83 -13.40
N GLU A 18 10.08 -12.60 -13.13
CA GLU A 18 11.18 -13.18 -13.89
C GLU A 18 11.18 -14.71 -13.80
N PHE A 19 10.81 -15.25 -12.64
CA PHE A 19 10.65 -16.69 -12.44
C PHE A 19 9.46 -17.22 -13.26
N LEU A 20 8.37 -16.47 -13.23
CA LEU A 20 7.16 -16.83 -13.98
C LEU A 20 7.28 -16.58 -15.50
N GLY A 21 8.44 -16.09 -15.94
CA GLY A 21 8.73 -15.92 -17.36
C GLY A 21 8.11 -14.67 -17.96
N ASP A 22 7.91 -13.65 -17.13
CA ASP A 22 7.21 -12.44 -17.54
C ASP A 22 8.01 -11.65 -18.57
N ASN A 23 7.33 -10.72 -19.24
CA ASN A 23 7.95 -9.68 -20.05
C ASN A 23 9.22 -9.13 -19.38
N PRO A 24 10.41 -9.45 -19.93
CA PRO A 24 11.71 -9.01 -19.38
C PRO A 24 11.86 -7.51 -19.13
N PHE A 25 11.19 -6.68 -19.93
CA PHE A 25 11.31 -5.23 -19.80
C PHE A 25 10.43 -4.70 -18.67
N ARG A 26 9.26 -5.30 -18.49
CA ARG A 26 8.45 -5.07 -17.29
C ARG A 26 9.21 -5.55 -16.06
N VAL A 27 9.87 -6.70 -16.16
CA VAL A 27 10.72 -7.22 -15.08
C VAL A 27 11.80 -6.20 -14.72
N ARG A 28 12.45 -5.65 -15.74
CA ARG A 28 13.51 -4.65 -15.58
C ARG A 28 12.98 -3.31 -15.04
N ALA A 29 11.69 -3.04 -15.23
CA ALA A 29 11.06 -1.85 -14.66
C ALA A 29 11.15 -1.89 -13.13
N TYR A 30 10.86 -3.06 -12.55
CA TYR A 30 10.96 -3.26 -11.11
C TYR A 30 12.41 -3.29 -10.60
N HIS A 31 13.25 -4.13 -11.20
CA HIS A 31 14.67 -4.25 -10.80
C HIS A 31 15.38 -2.89 -10.68
N GLN A 32 15.09 -2.02 -11.64
CA GLN A 32 15.68 -0.67 -11.66
C GLN A 32 15.11 0.15 -10.50
N ALA A 33 13.78 0.16 -10.39
CA ALA A 33 13.09 0.87 -9.30
C ALA A 33 13.51 0.36 -7.92
N ALA A 34 13.93 -0.90 -7.86
CA ALA A 34 14.51 -1.48 -6.64
C ALA A 34 15.89 -0.89 -6.34
N ARG A 35 16.72 -0.76 -7.38
CA ARG A 35 18.09 -0.26 -7.23
C ARG A 35 18.12 1.22 -6.83
N THR A 36 17.20 2.02 -7.39
CA THR A 36 17.21 3.47 -7.14
C THR A 36 16.64 3.83 -5.78
N LEU A 37 15.64 3.09 -5.32
CA LEU A 37 15.03 3.35 -4.01
C LEU A 37 15.98 2.98 -2.87
N TYR A 38 16.61 1.82 -2.95
CA TYR A 38 17.63 1.43 -1.97
C TYR A 38 18.80 2.43 -1.95
N ASP A 39 19.20 2.91 -3.13
CA ASP A 39 20.26 3.93 -3.22
C ASP A 39 19.80 5.31 -2.75
N LEU A 40 18.50 5.56 -2.78
CA LEU A 40 17.91 6.83 -2.32
C LEU A 40 18.03 6.95 -0.81
N ASP A 41 18.67 8.03 -0.34
CA ASP A 41 18.86 8.28 1.09
C ASP A 41 17.83 9.27 1.66
N THR A 42 17.28 10.14 0.81
CA THR A 42 16.18 11.01 1.24
C THR A 42 14.94 10.12 1.43
N PRO A 43 14.32 10.18 2.62
CA PRO A 43 13.15 9.35 2.90
C PRO A 43 12.06 9.46 1.83
N ILE A 44 11.55 8.32 1.37
CA ILE A 44 10.58 8.27 0.25
C ILE A 44 9.25 8.98 0.52
N GLU A 45 8.62 8.75 1.67
CA GLU A 45 7.35 9.42 1.99
C GLU A 45 7.51 10.94 2.09
N GLU A 46 8.70 11.43 2.40
CA GLU A 46 8.99 12.87 2.34
C GLU A 46 8.88 13.38 0.90
N ILE A 47 9.27 12.54 -0.06
CA ILE A 47 9.06 12.83 -1.48
C ILE A 47 7.65 12.41 -1.92
N ALA A 48 7.17 11.28 -1.40
CA ALA A 48 5.83 10.77 -1.72
C ALA A 48 4.71 11.61 -1.09
N GLU A 49 5.07 12.49 -0.16
CA GLU A 49 4.13 13.40 0.48
C GLU A 49 3.45 14.34 -0.52
N LYS A 50 4.05 14.46 -1.71
CA LYS A 50 3.54 15.34 -2.76
C LYS A 50 3.21 14.58 -4.04
N GLY A 51 3.12 13.25 -3.97
CA GLY A 51 3.07 12.39 -5.16
C GLY A 51 2.04 12.75 -6.22
N LYS A 52 0.93 12.02 -6.24
CA LYS A 52 -0.23 12.32 -7.09
C LYS A 52 0.15 12.27 -8.59
N GLU A 53 -0.15 13.34 -9.35
CA GLU A 53 0.30 13.50 -10.74
C GLU A 53 1.77 13.93 -10.81
N ALA A 54 2.33 14.36 -9.67
CA ALA A 54 3.75 14.68 -9.56
C ALA A 54 4.57 13.48 -9.11
N LEU A 55 3.92 12.34 -8.88
CA LEU A 55 4.60 11.07 -8.65
C LEU A 55 4.94 10.42 -10.00
N MET A 56 4.17 10.76 -11.03
CA MET A 56 4.51 10.40 -12.42
C MET A 56 5.84 10.99 -12.88
N GLU A 57 6.50 11.77 -12.02
CA GLU A 57 7.70 12.52 -12.38
C GLU A 57 9.01 11.98 -11.79
N LEU A 58 8.92 11.21 -10.70
CA LEU A 58 10.04 11.01 -9.77
C LEU A 58 11.40 10.59 -10.43
N PRO A 59 12.01 9.45 -10.05
CA PRO A 59 13.12 9.03 -10.91
C PRO A 59 13.08 7.55 -11.31
N GLY A 60 12.98 7.27 -12.60
CA GLY A 60 12.79 5.89 -13.08
C GLY A 60 11.41 5.35 -12.72
N VAL A 61 10.51 6.25 -12.31
CA VAL A 61 9.18 5.88 -11.83
C VAL A 61 8.13 6.57 -12.67
N GLY A 62 7.09 5.82 -13.04
CA GLY A 62 6.01 6.33 -13.89
C GLY A 62 4.67 6.31 -13.21
N PRO A 63 3.58 6.33 -14.01
CA PRO A 63 2.21 6.31 -13.47
C PRO A 63 1.81 5.00 -12.81
N ASP A 64 2.20 3.89 -13.41
CA ASP A 64 1.82 2.57 -12.92
C ASP A 64 2.54 2.24 -11.61
N LEU A 65 3.80 2.67 -11.48
CA LEU A 65 4.52 2.58 -10.21
C LEU A 65 4.11 3.74 -9.29
N ALA A 66 2.83 4.09 -9.32
CA ALA A 66 2.29 5.20 -8.54
C ALA A 66 0.94 4.81 -7.94
N GLU A 67 -0.03 4.45 -8.78
CA GLU A 67 -1.33 3.93 -8.30
C GLU A 67 -1.14 2.72 -7.38
N LYS A 68 -0.06 1.97 -7.61
CA LYS A 68 0.36 0.92 -6.69
C LYS A 68 0.92 1.49 -5.38
N ILE A 69 1.58 2.65 -5.47
CA ILE A 69 2.03 3.37 -4.27
C ILE A 69 0.86 4.10 -3.59
N LEU A 70 -0.07 4.64 -4.38
CA LEU A 70 -1.33 5.16 -3.86
C LEU A 70 -1.99 4.06 -3.03
N GLU A 71 -2.10 2.88 -3.62
CA GLU A 71 -2.53 1.66 -2.91
C GLU A 71 -1.66 1.35 -1.70
N PHE A 72 -0.35 1.35 -1.89
CA PHE A 72 0.59 0.90 -0.86
C PHE A 72 0.30 1.48 0.52
N LEU A 73 0.39 2.79 0.67
CA LEU A 73 0.16 3.42 1.97
C LEU A 73 -1.33 3.41 2.37
N ARG A 74 -2.23 3.55 1.39
CA ARG A 74 -3.68 3.42 1.66
C ARG A 74 -4.04 2.09 2.32
N THR A 75 -3.37 1.01 1.90
CA THR A 75 -3.71 -0.34 2.33
C THR A 75 -2.53 -1.17 2.88
N GLY A 76 -1.35 -0.57 2.99
CA GLY A 76 -0.17 -1.25 3.55
C GLY A 76 0.49 -2.30 2.67
N LYS A 77 -0.12 -2.64 1.54
CA LYS A 77 0.38 -3.72 0.68
C LYS A 77 -0.11 -3.60 -0.78
N VAL A 78 0.72 -4.08 -1.71
CA VAL A 78 0.42 -4.01 -3.13
C VAL A 78 -0.07 -5.36 -3.63
N ARG A 79 -1.29 -5.40 -4.18
CA ARG A 79 -1.89 -6.66 -4.65
C ARG A 79 -1.00 -7.44 -5.61
N LYS A 80 -0.33 -6.74 -6.52
CA LYS A 80 0.57 -7.39 -7.48
C LYS A 80 1.59 -8.27 -6.75
N HIS A 81 2.19 -7.74 -5.70
CA HIS A 81 3.17 -8.48 -4.90
C HIS A 81 2.53 -9.70 -4.23
N GLU A 82 1.34 -9.52 -3.67
CA GLU A 82 0.62 -10.60 -3.00
C GLU A 82 0.11 -11.66 -3.98
N GLU A 83 -0.31 -11.21 -5.16
CA GLU A 83 -0.75 -12.14 -6.21
C GLU A 83 0.40 -13.03 -6.67
N LEU A 84 1.57 -12.43 -6.86
CA LEU A 84 2.77 -13.17 -7.27
C LEU A 84 3.24 -14.13 -6.18
N SER A 85 3.09 -13.73 -4.91
CA SER A 85 3.52 -14.57 -3.78
C SER A 85 2.84 -15.93 -3.78
N ARG A 86 1.57 -15.97 -4.16
CA ARG A 86 0.81 -17.22 -4.21
C ARG A 86 1.31 -18.16 -5.31
N LYS A 87 1.85 -17.60 -6.38
CA LYS A 87 2.35 -18.39 -7.52
C LYS A 87 3.81 -18.81 -7.39
N VAL A 88 4.57 -18.13 -6.53
CA VAL A 88 6.02 -18.34 -6.44
C VAL A 88 6.48 -18.49 -4.98
N PRO A 89 6.92 -19.70 -4.60
CA PRO A 89 7.41 -19.92 -3.24
C PRO A 89 8.42 -18.86 -2.80
N ARG A 90 8.27 -18.37 -1.57
CA ARG A 90 9.14 -17.33 -1.00
C ARG A 90 10.62 -17.70 -1.07
N GLY A 91 10.93 -18.98 -0.89
CA GLY A 91 12.32 -19.45 -0.87
C GLY A 91 13.01 -19.52 -2.22
N VAL A 92 12.26 -19.60 -3.31
CA VAL A 92 12.86 -19.65 -4.66
C VAL A 92 13.61 -18.35 -4.98
N LEU A 93 13.16 -17.23 -4.39
CA LEU A 93 13.83 -15.94 -4.50
C LEU A 93 15.26 -16.02 -3.95
N GLU A 94 15.43 -16.68 -2.81
CA GLU A 94 16.74 -16.86 -2.21
C GLU A 94 17.67 -17.65 -3.13
N VAL A 95 17.11 -18.68 -3.78
CA VAL A 95 17.89 -19.54 -4.65
C VAL A 95 18.41 -18.77 -5.87
N MET A 96 17.58 -17.92 -6.46
CA MET A 96 17.98 -17.16 -7.65
C MET A 96 18.81 -15.91 -7.34
N GLU A 97 19.07 -15.64 -6.05
CA GLU A 97 20.06 -14.64 -5.66
C GLU A 97 21.48 -15.20 -5.70
N VAL A 98 21.60 -16.52 -5.78
CA VAL A 98 22.90 -17.18 -5.89
C VAL A 98 23.53 -16.83 -7.24
N PRO A 99 24.76 -16.29 -7.24
CA PRO A 99 25.35 -15.87 -8.52
C PRO A 99 25.51 -17.03 -9.50
N GLY A 100 25.03 -16.83 -10.73
CA GLY A 100 25.03 -17.85 -11.76
C GLY A 100 23.69 -18.54 -11.96
N VAL A 101 22.80 -18.46 -10.97
CA VAL A 101 21.54 -19.19 -11.01
C VAL A 101 20.50 -18.58 -11.97
N GLY A 102 19.88 -17.47 -11.60
CA GLY A 102 18.87 -16.85 -12.48
C GLY A 102 17.57 -17.63 -12.64
N PRO A 103 16.60 -17.06 -13.36
CA PRO A 103 15.21 -17.53 -13.42
C PRO A 103 15.02 -18.96 -13.93
N LYS A 104 15.62 -19.28 -15.06
CA LYS A 104 15.44 -20.58 -15.70
C LYS A 104 16.07 -21.72 -14.90
N THR A 105 17.22 -21.46 -14.30
CA THR A 105 17.89 -22.47 -13.48
C THR A 105 17.15 -22.70 -12.17
N ALA A 106 16.65 -21.63 -11.57
CA ALA A 106 15.88 -21.73 -10.33
C ALA A 106 14.60 -22.53 -10.54
N ARG A 107 13.99 -22.36 -11.71
CA ARG A 107 12.76 -23.03 -12.08
C ARG A 107 13.02 -24.50 -12.38
N LEU A 108 14.05 -24.79 -13.17
CA LEU A 108 14.47 -26.17 -13.44
C LEU A 108 14.73 -26.92 -12.14
N LEU A 109 15.47 -26.29 -11.24
CA LEU A 109 15.78 -26.87 -9.92
C LEU A 109 14.54 -27.10 -9.06
N TYR A 110 13.54 -26.22 -9.18
CA TYR A 110 12.31 -26.36 -8.40
C TYR A 110 11.45 -27.49 -8.94
N GLU A 111 11.13 -27.46 -10.23
CA GLU A 111 10.31 -28.51 -10.83
C GLU A 111 11.08 -29.84 -10.98
N GLY A 112 12.40 -29.80 -10.88
CA GLY A 112 13.25 -30.99 -11.07
C GLY A 112 13.61 -31.73 -9.79
N LEU A 113 14.12 -31.00 -8.80
CA LEU A 113 14.43 -31.58 -7.48
C LEU A 113 13.68 -30.91 -6.34
N GLY A 114 12.66 -30.10 -6.66
CA GLY A 114 11.82 -29.48 -5.62
C GLY A 114 12.60 -28.56 -4.69
N ILE A 115 13.65 -27.93 -5.20
CA ILE A 115 14.51 -27.09 -4.38
C ILE A 115 13.92 -25.69 -4.29
N ASP A 116 13.65 -25.26 -3.05
CA ASP A 116 12.97 -23.99 -2.79
C ASP A 116 13.55 -23.23 -1.59
N SER A 117 14.86 -23.37 -1.37
CA SER A 117 15.58 -22.59 -0.38
C SER A 117 17.09 -22.84 -0.52
N LEU A 118 17.90 -21.94 0.02
CA LEU A 118 19.35 -22.11 0.03
C LEU A 118 19.73 -23.35 0.80
N GLU A 119 19.06 -23.53 1.95
CA GLU A 119 19.28 -24.68 2.81
C GLU A 119 19.10 -25.99 2.03
N LYS A 120 18.04 -26.04 1.22
CA LYS A 120 17.78 -27.21 0.37
C LYS A 120 18.79 -27.36 -0.76
N LEU A 121 19.18 -26.23 -1.36
CA LEU A 121 20.19 -26.23 -2.41
C LEU A 121 21.51 -26.72 -1.83
N LYS A 122 21.95 -26.09 -0.75
CA LYS A 122 23.15 -26.52 -0.01
C LYS A 122 23.17 -28.04 0.22
N ALA A 123 22.04 -28.59 0.65
CA ALA A 123 21.92 -30.04 0.86
C ALA A 123 22.03 -30.81 -0.45
N ALA A 124 21.42 -30.27 -1.50
CA ALA A 124 21.39 -30.91 -2.81
C ALA A 124 22.79 -31.18 -3.40
N LEU A 125 23.68 -30.20 -3.29
CA LEU A 125 25.05 -30.34 -3.81
C LEU A 125 25.95 -31.18 -2.91
N ASP A 126 25.84 -30.97 -1.59
CA ASP A 126 26.62 -31.74 -0.62
C ASP A 126 26.31 -33.23 -0.76
N ARG A 127 25.04 -33.55 -0.98
CA ARG A 127 24.60 -34.90 -1.25
C ARG A 127 24.97 -35.34 -2.67
N GLY A 128 25.07 -34.37 -3.58
CA GLY A 128 25.49 -34.62 -4.96
C GLY A 128 24.34 -34.95 -5.89
N ASP A 129 23.19 -34.32 -5.65
CA ASP A 129 21.97 -34.59 -6.40
C ASP A 129 21.96 -33.95 -7.79
N LEU A 130 22.36 -32.68 -7.88
CA LEU A 130 22.33 -31.95 -9.16
C LEU A 130 23.20 -32.60 -10.24
N THR A 131 24.19 -33.38 -9.84
CA THR A 131 25.02 -34.14 -10.78
C THR A 131 24.29 -35.39 -11.33
N ARG A 132 23.03 -35.58 -10.92
CA ARG A 132 22.19 -36.67 -11.44
C ARG A 132 21.06 -36.17 -12.36
N LEU A 133 20.74 -34.88 -12.25
CA LEU A 133 19.56 -34.32 -12.93
C LEU A 133 19.68 -34.48 -14.45
N LYS A 134 18.55 -34.68 -15.10
CA LYS A 134 18.50 -34.83 -16.55
C LYS A 134 18.67 -33.46 -17.21
N GLY A 135 19.86 -33.21 -17.76
CA GLY A 135 20.19 -31.93 -18.39
C GLY A 135 21.15 -31.11 -17.55
N PHE A 136 20.86 -31.01 -16.26
CA PHE A 136 21.76 -30.38 -15.31
C PHE A 136 22.90 -31.35 -15.02
N GLY A 137 24.07 -31.08 -15.61
CA GLY A 137 25.19 -32.01 -15.54
C GLY A 137 25.99 -31.92 -14.25
N PRO A 138 27.13 -32.64 -14.19
CA PRO A 138 28.05 -32.59 -13.05
C PRO A 138 29.00 -31.39 -13.09
N LYS A 139 29.24 -30.84 -14.29
CA LYS A 139 30.04 -29.63 -14.44
C LYS A 139 29.21 -28.43 -14.01
N ARG A 140 28.00 -28.34 -14.55
CA ARG A 140 27.07 -27.26 -14.24
C ARG A 140 26.70 -27.24 -12.75
N ALA A 141 26.84 -28.38 -12.08
CA ALA A 141 26.62 -28.47 -10.63
C ALA A 141 27.77 -27.88 -9.83
N GLU A 142 29.01 -28.06 -10.30
CA GLU A 142 30.17 -27.43 -9.68
C GLU A 142 30.09 -25.91 -9.81
N ARG A 143 29.48 -25.46 -10.91
CA ARG A 143 29.24 -24.04 -11.15
C ARG A 143 28.40 -23.43 -10.02
N ILE A 144 27.32 -24.13 -9.65
CA ILE A 144 26.45 -23.69 -8.58
C ILE A 144 27.19 -23.68 -7.24
N ARG A 145 27.96 -24.73 -6.97
CA ARG A 145 28.71 -24.83 -5.72
C ARG A 145 29.69 -23.67 -5.58
N GLU A 146 30.38 -23.33 -6.67
CA GLU A 146 31.23 -22.14 -6.70
C GLU A 146 30.42 -20.93 -6.25
N GLY A 147 29.38 -20.59 -7.01
CA GLY A 147 28.54 -19.43 -6.72
C GLY A 147 27.95 -19.42 -5.33
N LEU A 148 27.59 -20.59 -4.83
CA LEU A 148 27.00 -20.73 -3.50
C LEU A 148 28.04 -20.43 -2.41
N ALA A 149 29.23 -20.98 -2.56
CA ALA A 149 30.32 -20.74 -1.62
C ALA A 149 30.88 -19.32 -1.74
N LEU A 150 30.84 -18.76 -2.94
CA LEU A 150 31.42 -17.43 -3.20
C LEU A 150 30.47 -16.29 -2.83
N ALA A 151 29.19 -16.60 -2.65
CA ALA A 151 28.22 -15.63 -2.14
C ALA A 151 28.42 -15.36 -0.65
N GLN A 152 28.99 -16.34 0.06
CA GLN A 152 29.09 -16.28 1.53
C GLN A 152 30.32 -15.52 2.02
N ALA A 153 31.48 -15.79 1.44
CA ALA A 153 32.71 -15.08 1.78
C ALA A 153 32.54 -13.58 1.50
N ALA A 154 31.97 -13.25 0.34
CA ALA A 154 31.54 -11.90 0.04
C ALA A 154 30.19 -11.65 0.72
N GLY A 155 30.24 -11.24 1.98
CA GLY A 155 29.03 -11.01 2.78
C GLY A 155 28.21 -9.83 2.28
N LYS A 156 28.35 -8.68 2.93
CA LYS A 156 27.65 -7.47 2.54
C LYS A 156 28.51 -6.68 1.57
N ARG A 157 27.89 -5.73 0.87
CA ARG A 157 28.62 -4.66 0.22
C ARG A 157 29.52 -4.04 1.28
N ARG A 158 30.66 -3.50 0.88
CA ARG A 158 31.61 -2.94 1.83
C ARG A 158 31.77 -1.43 1.64
N PRO A 159 31.99 -0.70 2.75
CA PRO A 159 32.25 0.74 2.60
C PRO A 159 33.49 0.98 1.74
N LEU A 160 33.40 1.94 0.83
CA LEU A 160 34.49 2.25 -0.08
C LEU A 160 35.81 2.50 0.64
N GLY A 161 35.75 3.26 1.73
CA GLY A 161 36.94 3.60 2.52
C GLY A 161 37.61 2.43 3.19
N ALA A 162 36.85 1.37 3.47
CA ALA A 162 37.40 0.14 4.06
C ALA A 162 38.30 -0.60 3.06
N VAL A 163 37.97 -0.49 1.78
CA VAL A 163 38.69 -1.21 0.73
C VAL A 163 39.56 -0.31 -0.14
N LEU A 164 39.48 1.00 0.04
CA LEU A 164 40.16 1.94 -0.85
C LEU A 164 41.66 1.66 -0.96
N SER A 165 42.39 1.75 0.15
CA SER A 165 43.84 1.55 0.15
C SER A 165 44.27 0.23 -0.47
N LEU A 166 43.50 -0.84 -0.19
CA LEU A 166 43.72 -2.16 -0.78
C LEU A 166 43.60 -2.04 -2.30
N ALA A 167 42.57 -1.33 -2.74
CA ALA A 167 42.29 -1.14 -4.16
C ALA A 167 43.47 -0.53 -4.90
N ARG A 168 44.10 0.46 -4.28
CA ARG A 168 45.28 1.10 -4.88
C ARG A 168 46.51 0.20 -4.89
N SER A 169 46.63 -0.69 -3.91
CA SER A 169 47.72 -1.66 -3.90
C SER A 169 47.56 -2.61 -5.08
N LEU A 170 46.35 -3.16 -5.22
CA LEU A 170 46.01 -4.01 -6.36
C LEU A 170 46.20 -3.29 -7.70
N LEU A 171 45.85 -2.01 -7.77
CA LEU A 171 46.02 -1.24 -9.01
C LEU A 171 47.49 -1.14 -9.40
N GLU A 172 48.34 -0.79 -8.44
CA GLU A 172 49.78 -0.68 -8.66
C GLU A 172 50.39 -2.03 -9.08
N ALA A 173 49.85 -3.11 -8.53
CA ALA A 173 50.30 -4.47 -8.88
C ALA A 173 49.87 -4.85 -10.30
N ILE A 174 48.63 -4.51 -10.65
CA ILE A 174 48.10 -4.79 -11.99
C ILE A 174 48.85 -3.99 -13.06
N ARG A 175 49.23 -2.75 -12.74
CA ARG A 175 50.04 -1.92 -13.64
C ARG A 175 51.45 -2.47 -13.89
N ALA A 176 51.92 -3.32 -12.98
CA ALA A 176 53.24 -3.97 -13.11
C ALA A 176 53.18 -5.36 -13.73
N LEU A 177 51.98 -5.84 -14.09
CA LEU A 177 51.84 -7.16 -14.73
C LEU A 177 52.29 -7.08 -16.19
N PRO A 178 53.08 -8.07 -16.65
CA PRO A 178 53.41 -8.13 -18.08
C PRO A 178 52.15 -8.23 -18.97
N GLY A 179 52.11 -7.43 -20.02
CA GLY A 179 50.93 -7.35 -20.90
C GLY A 179 50.03 -6.15 -20.63
N VAL A 180 50.17 -5.53 -19.45
CA VAL A 180 49.34 -4.39 -19.09
C VAL A 180 49.98 -3.06 -19.51
N GLU A 181 49.46 -2.51 -20.61
CA GLU A 181 49.87 -1.19 -21.10
C GLU A 181 49.39 -0.05 -20.18
N ARG A 182 48.22 -0.22 -19.56
CA ARG A 182 47.58 0.84 -18.76
C ARG A 182 46.34 0.28 -18.04
N ALA A 183 46.20 0.59 -16.75
CA ALA A 183 45.10 0.06 -15.94
C ALA A 183 44.47 1.11 -15.04
N GLU A 184 43.21 0.92 -14.68
CA GLU A 184 42.46 1.91 -13.90
C GLU A 184 41.36 1.27 -13.06
N LEU A 185 41.12 1.84 -11.89
CA LEU A 185 40.05 1.38 -11.02
C LEU A 185 38.75 2.05 -11.43
N CYS A 186 37.79 1.25 -11.90
CA CYS A 186 36.51 1.79 -12.37
C CYS A 186 35.36 1.30 -11.49
N GLY A 187 34.21 0.98 -12.09
CA GLY A 187 33.03 0.60 -11.34
C GLY A 187 32.59 1.69 -10.38
N SER A 188 31.92 1.29 -9.30
CA SER A 188 31.42 2.22 -8.30
C SER A 188 32.54 2.94 -7.54
N ALA A 189 33.70 2.29 -7.44
CA ALA A 189 34.87 2.88 -6.78
C ALA A 189 35.27 4.22 -7.40
N ARG A 190 35.23 4.30 -8.73
CA ARG A 190 35.62 5.50 -9.44
C ARG A 190 34.56 6.60 -9.31
N ARG A 191 33.32 6.19 -9.04
CA ARG A 191 32.22 7.14 -8.85
C ARG A 191 32.07 7.55 -7.39
N TYR A 192 32.96 7.06 -6.52
CA TYR A 192 32.96 7.38 -5.09
C TYR A 192 31.65 7.01 -4.36
N LYS A 193 30.94 6.00 -4.87
CA LYS A 193 29.76 5.45 -4.20
C LYS A 193 30.17 5.04 -2.79
N ASP A 194 29.40 5.43 -1.78
CA ASP A 194 29.82 5.24 -0.39
C ASP A 194 30.13 3.77 -0.03
N THR A 195 29.45 2.84 -0.69
CA THR A 195 29.75 1.42 -0.56
C THR A 195 29.93 0.80 -1.92
N VAL A 196 30.68 -0.30 -1.98
CA VAL A 196 30.88 -1.04 -3.22
C VAL A 196 30.48 -2.50 -3.07
N GLY A 197 30.02 -3.10 -4.17
CA GLY A 197 29.75 -4.53 -4.23
C GLY A 197 30.98 -5.36 -4.58
N ASP A 198 31.98 -4.71 -5.19
CA ASP A 198 33.23 -5.37 -5.58
C ASP A 198 34.25 -4.31 -5.97
N LEU A 199 35.35 -4.71 -6.59
CA LEU A 199 36.28 -3.79 -7.24
C LEU A 199 36.44 -4.15 -8.73
N ASP A 200 36.26 -3.16 -9.61
CA ASP A 200 36.22 -3.39 -11.05
C ASP A 200 37.40 -2.72 -11.75
N PHE A 201 38.37 -3.52 -12.20
CA PHE A 201 39.58 -3.00 -12.82
C PHE A 201 39.55 -3.16 -14.33
N LEU A 202 39.80 -2.07 -15.06
CA LEU A 202 39.94 -2.09 -16.51
C LEU A 202 41.41 -2.13 -16.89
N VAL A 203 41.73 -2.84 -17.96
CA VAL A 203 43.10 -2.96 -18.44
C VAL A 203 43.16 -2.75 -19.97
N ALA A 204 44.04 -1.86 -20.40
CA ALA A 204 44.40 -1.73 -21.81
C ALA A 204 45.49 -2.76 -22.10
N SER A 205 45.25 -3.65 -23.06
CA SER A 205 46.22 -4.67 -23.38
C SER A 205 45.98 -5.27 -24.75
N ARG A 206 47.07 -5.68 -25.40
CA ARG A 206 47.00 -6.37 -26.69
C ARG A 206 47.32 -7.86 -26.54
N GLU A 207 47.81 -8.26 -25.37
CA GLU A 207 48.00 -9.67 -25.04
C GLU A 207 47.19 -9.97 -23.79
N GLY A 208 45.88 -9.98 -23.97
CA GLY A 208 44.91 -10.08 -22.86
C GLY A 208 44.96 -11.34 -22.04
N GLU A 209 45.32 -12.47 -22.67
CA GLU A 209 45.43 -13.75 -21.95
C GLU A 209 46.52 -13.68 -20.86
N ARG A 210 47.66 -13.10 -21.22
CA ARG A 210 48.77 -12.88 -20.29
C ARG A 210 48.30 -12.08 -19.07
N ALA A 211 47.68 -10.93 -19.33
CA ALA A 211 47.20 -10.03 -18.27
C ALA A 211 46.19 -10.71 -17.33
N VAL A 212 45.25 -11.47 -17.90
CA VAL A 212 44.26 -12.17 -17.10
C VAL A 212 44.93 -13.26 -16.27
N GLU A 213 45.78 -14.06 -16.91
CA GLU A 213 46.56 -15.07 -16.20
C GLU A 213 47.47 -14.42 -15.15
N GLY A 214 48.04 -13.25 -15.47
CA GLY A 214 48.82 -12.48 -14.50
C GLY A 214 47.98 -11.96 -13.34
N PHE A 215 46.77 -11.48 -13.66
CA PHE A 215 45.87 -10.91 -12.66
C PHE A 215 45.44 -11.94 -11.61
N VAL A 216 44.97 -13.09 -12.08
CA VAL A 216 44.49 -14.15 -11.18
C VAL A 216 45.62 -14.72 -10.31
N ARG A 217 46.86 -14.52 -10.76
CA ARG A 217 48.04 -15.01 -10.07
C ARG A 217 48.48 -14.14 -8.88
N LEU A 218 47.88 -12.95 -8.73
CA LEU A 218 48.21 -12.07 -7.61
C LEU A 218 47.99 -12.79 -6.28
N PRO A 219 48.86 -12.54 -5.29
CA PRO A 219 48.84 -13.32 -4.04
C PRO A 219 47.55 -13.16 -3.21
N GLN A 220 46.88 -12.02 -3.34
CA GLN A 220 45.62 -11.80 -2.61
C GLN A 220 44.45 -12.64 -3.14
N VAL A 221 44.57 -13.16 -4.35
CA VAL A 221 43.49 -13.96 -4.96
C VAL A 221 43.38 -15.33 -4.30
N LYS A 222 42.16 -15.72 -3.94
CA LYS A 222 41.88 -17.00 -3.29
C LYS A 222 41.22 -18.01 -4.24
N GLU A 223 40.17 -17.57 -4.94
CA GLU A 223 39.43 -18.45 -5.87
C GLU A 223 39.17 -17.73 -7.20
N VAL A 224 38.80 -18.51 -8.21
CA VAL A 224 38.44 -17.97 -9.52
C VAL A 224 37.06 -18.50 -9.93
N TYR A 225 36.11 -17.59 -10.05
CA TYR A 225 34.74 -17.96 -10.43
C TYR A 225 34.62 -18.11 -11.94
N ALA A 226 35.23 -17.19 -12.68
CA ALA A 226 35.21 -17.22 -14.15
C ALA A 226 36.49 -16.61 -14.71
N LYS A 227 36.99 -17.19 -15.80
CA LYS A 227 38.30 -16.81 -16.37
C LYS A 227 38.34 -17.05 -17.88
N GLY A 228 38.44 -15.97 -18.66
CA GLY A 228 38.56 -16.06 -20.12
C GLY A 228 39.74 -15.26 -20.66
N LYS A 229 39.80 -15.14 -21.99
CA LYS A 229 40.81 -14.32 -22.66
C LYS A 229 40.78 -12.86 -22.21
N GLU A 230 39.58 -12.29 -22.13
CA GLU A 230 39.41 -10.85 -21.94
C GLU A 230 38.99 -10.44 -20.52
N ARG A 231 38.41 -11.35 -19.74
CA ARG A 231 38.01 -11.00 -18.38
C ARG A 231 38.00 -12.16 -17.39
N ALA A 232 37.95 -11.80 -16.11
CA ALA A 232 37.96 -12.74 -15.00
C ALA A 232 37.22 -12.18 -13.80
N THR A 233 36.59 -13.08 -13.04
CA THR A 233 35.94 -12.76 -11.79
C THR A 233 36.59 -13.59 -10.70
N VAL A 234 37.17 -12.92 -9.71
CA VAL A 234 37.84 -13.59 -8.59
C VAL A 234 37.40 -13.02 -7.26
N PHE A 235 37.69 -13.76 -6.19
CA PHE A 235 37.41 -13.34 -4.82
C PHE A 235 38.71 -13.38 -4.01
N LEU A 236 38.94 -12.34 -3.22
CA LEU A 236 40.21 -12.18 -2.51
C LEU A 236 40.27 -13.02 -1.24
N LYS A 237 41.46 -13.08 -0.66
CA LYS A 237 41.73 -13.75 0.62
C LYS A 237 41.15 -12.89 1.76
N ASN A 238 39.83 -12.74 1.74
CA ASN A 238 39.05 -11.84 2.62
C ASN A 238 37.61 -11.63 2.11
N GLY A 239 37.29 -12.21 0.95
CA GLY A 239 35.92 -12.31 0.47
C GLY A 239 35.56 -11.34 -0.65
N LEU A 240 36.32 -10.25 -0.75
CA LEU A 240 36.01 -9.16 -1.67
C LEU A 240 36.13 -9.60 -3.12
N GLN A 241 35.02 -9.48 -3.86
CA GLN A 241 35.00 -9.78 -5.29
C GLN A 241 35.83 -8.75 -6.04
N VAL A 242 36.60 -9.22 -7.01
CA VAL A 242 37.35 -8.33 -7.88
C VAL A 242 37.23 -8.80 -9.33
N ASP A 243 36.81 -7.89 -10.20
CA ASP A 243 36.64 -8.17 -11.60
C ASP A 243 37.73 -7.47 -12.40
N LEU A 244 38.23 -8.14 -13.43
CA LEU A 244 39.16 -7.52 -14.37
C LEU A 244 38.53 -7.52 -15.75
N ARG A 245 38.68 -6.41 -16.46
CA ARG A 245 38.24 -6.34 -17.84
C ARG A 245 39.38 -5.86 -18.73
N VAL A 246 39.75 -6.68 -19.71
CA VAL A 246 40.77 -6.30 -20.69
C VAL A 246 40.10 -5.86 -22.00
N VAL A 247 40.62 -4.79 -22.58
CA VAL A 247 40.20 -4.33 -23.91
C VAL A 247 41.43 -3.84 -24.67
N PRO A 248 41.38 -3.86 -26.02
CA PRO A 248 42.52 -3.36 -26.78
C PRO A 248 42.73 -1.86 -26.58
N PRO A 249 43.99 -1.39 -26.61
CA PRO A 249 44.31 0.00 -26.33
C PRO A 249 43.51 1.04 -27.13
N GLU A 250 43.10 0.68 -28.34
CA GLU A 250 42.31 1.56 -29.20
C GLU A 250 40.93 1.86 -28.61
N SER A 251 40.46 0.98 -27.73
CA SER A 251 39.15 1.11 -27.09
C SER A 251 39.22 1.49 -25.61
N TYR A 252 40.39 1.93 -25.14
CA TYR A 252 40.57 2.17 -23.71
C TYR A 252 39.52 3.11 -23.15
N GLY A 253 39.31 4.23 -23.84
CA GLY A 253 38.29 5.20 -23.45
C GLY A 253 36.89 4.64 -23.38
N ALA A 254 36.51 3.85 -24.39
CA ALA A 254 35.21 3.19 -24.38
C ALA A 254 35.12 2.11 -23.29
N GLY A 255 36.26 1.51 -22.97
CA GLY A 255 36.35 0.54 -21.88
C GLY A 255 36.17 1.18 -20.51
N LEU A 256 36.76 2.37 -20.32
CA LEU A 256 36.60 3.11 -19.08
C LEU A 256 35.13 3.46 -18.88
N GLN A 257 34.52 4.05 -19.90
CA GLN A 257 33.10 4.36 -19.84
C GLN A 257 32.28 3.11 -19.49
N TYR A 258 32.54 2.01 -20.21
CA TYR A 258 31.79 0.77 -19.97
C TYR A 258 31.91 0.29 -18.53
N LEU A 259 33.14 0.12 -18.05
CA LEU A 259 33.36 -0.44 -16.71
C LEU A 259 33.06 0.53 -15.58
N THR A 260 33.04 1.83 -15.87
CA THR A 260 32.75 2.82 -14.84
C THR A 260 31.26 2.92 -14.55
N GLY A 261 30.42 2.83 -15.58
CA GLY A 261 28.98 2.90 -15.39
C GLY A 261 28.55 4.23 -14.80
N SER A 262 27.47 4.28 -14.04
CA SER A 262 26.65 3.12 -13.67
C SER A 262 25.93 2.44 -14.84
N LYS A 263 25.47 1.22 -14.58
CA LYS A 263 24.56 0.50 -15.47
C LYS A 263 23.54 1.46 -16.05
N ALA A 264 22.78 2.13 -15.19
CA ALA A 264 21.72 3.04 -15.63
C ALA A 264 22.24 4.19 -16.50
N HIS A 265 23.35 4.81 -16.09
CA HIS A 265 23.98 5.87 -16.88
C HIS A 265 24.44 5.35 -18.23
N SER A 266 25.11 4.19 -18.21
CA SER A 266 25.57 3.52 -19.43
C SER A 266 24.44 3.24 -20.40
N ILE A 267 23.28 2.82 -19.87
CA ILE A 267 22.12 2.53 -20.69
C ILE A 267 21.52 3.81 -21.30
N ARG A 268 21.58 4.93 -20.57
CA ARG A 268 21.18 6.21 -21.15
C ARG A 268 22.02 6.55 -22.38
N LEU A 269 23.34 6.38 -22.25
CA LEU A 269 24.27 6.71 -23.33
C LEU A 269 24.11 5.79 -24.55
N ARG A 270 23.90 4.51 -24.32
CA ARG A 270 23.71 3.56 -25.42
C ARG A 270 22.38 3.81 -26.12
N ALA A 271 21.31 3.99 -25.34
CA ALA A 271 20.02 4.44 -25.85
C ALA A 271 20.15 5.72 -26.69
N LEU A 272 20.97 6.66 -26.22
CA LEU A 272 21.24 7.90 -26.95
C LEU A 272 21.91 7.58 -28.29
N ALA A 273 22.96 6.78 -28.23
CA ALA A 273 23.66 6.33 -29.43
C ALA A 273 22.69 5.77 -30.48
N GLN A 274 21.72 4.99 -30.04
CA GLN A 274 20.69 4.44 -30.94
C GLN A 274 19.87 5.53 -31.64
N GLU A 275 19.51 6.59 -30.92
CA GLU A 275 18.77 7.71 -31.52
C GLU A 275 19.56 8.37 -32.66
N LYS A 276 20.89 8.46 -32.51
CA LYS A 276 21.75 9.06 -33.53
C LYS A 276 22.25 8.04 -34.57
N GLY A 277 21.59 6.87 -34.65
CA GLY A 277 21.98 5.83 -35.59
C GLY A 277 23.28 5.10 -35.26
N LEU A 278 23.83 5.37 -34.08
CA LEU A 278 25.13 4.86 -33.68
C LEU A 278 25.02 3.62 -32.79
N LYS A 279 26.15 2.99 -32.52
CA LYS A 279 26.25 1.93 -31.52
C LYS A 279 27.39 2.21 -30.56
N LEU A 280 27.10 2.13 -29.26
CA LEU A 280 28.11 2.31 -28.22
C LEU A 280 28.37 0.98 -27.51
N SER A 281 29.63 0.55 -27.50
CA SER A 281 30.07 -0.63 -26.77
C SER A 281 31.34 -0.29 -25.98
N GLU A 282 31.96 -1.31 -25.40
CA GLU A 282 33.26 -1.15 -24.73
C GLU A 282 34.36 -0.83 -25.73
N TYR A 283 34.13 -1.17 -27.00
CA TYR A 283 35.16 -1.06 -28.02
C TYR A 283 35.14 0.31 -28.71
N GLY A 284 34.01 1.01 -28.61
CA GLY A 284 33.90 2.36 -29.14
C GLY A 284 32.50 2.76 -29.56
N VAL A 285 32.41 3.99 -30.07
CA VAL A 285 31.19 4.45 -30.72
C VAL A 285 31.34 4.15 -32.20
N PHE A 286 30.30 3.57 -32.80
CA PHE A 286 30.34 3.15 -34.20
C PHE A 286 29.16 3.69 -35.00
N ARG A 287 29.44 4.14 -36.22
CA ARG A 287 28.41 4.33 -37.23
C ARG A 287 28.60 3.22 -38.26
N GLY A 288 27.75 2.20 -38.20
CA GLY A 288 27.98 0.99 -38.96
C GLY A 288 29.20 0.29 -38.40
N GLU A 289 30.16 -0.02 -39.27
CA GLU A 289 31.39 -0.69 -38.86
C GLU A 289 32.49 0.31 -38.55
N LYS A 290 32.32 1.56 -38.96
CA LYS A 290 33.35 2.58 -38.75
C LYS A 290 33.37 3.02 -37.29
N ARG A 291 34.45 2.69 -36.59
CA ARG A 291 34.65 3.17 -35.23
C ARG A 291 34.95 4.67 -35.30
N ILE A 292 34.05 5.50 -34.77
CA ILE A 292 34.27 6.95 -34.72
C ILE A 292 34.98 7.43 -33.44
N ALA A 293 34.91 6.64 -32.37
CA ALA A 293 35.56 7.00 -31.10
C ALA A 293 35.91 5.76 -30.28
N GLY A 294 36.89 5.90 -29.37
CA GLY A 294 37.32 4.76 -28.56
C GLY A 294 38.55 4.96 -27.68
N GLU A 295 39.54 5.69 -28.20
CA GLU A 295 40.84 5.85 -27.54
C GLU A 295 40.72 6.51 -26.16
N THR A 296 39.88 7.55 -26.05
CA THR A 296 39.71 8.28 -24.80
C THR A 296 38.24 8.52 -24.48
N GLU A 297 37.95 8.85 -23.21
CA GLU A 297 36.59 9.12 -22.74
C GLU A 297 36.02 10.42 -23.32
N GLU A 298 36.81 11.50 -23.24
CA GLU A 298 36.46 12.78 -23.88
C GLU A 298 35.87 12.61 -25.28
N GLU A 299 36.60 11.96 -26.17
CA GLU A 299 36.15 11.82 -27.56
C GLU A 299 35.00 10.83 -27.72
N VAL A 300 34.88 9.87 -26.80
CA VAL A 300 33.73 8.96 -26.78
C VAL A 300 32.45 9.73 -26.45
N TYR A 301 32.50 10.53 -25.39
CA TYR A 301 31.37 11.40 -25.01
C TYR A 301 31.07 12.43 -26.10
N ALA A 302 32.12 12.95 -26.74
CA ALA A 302 31.98 13.85 -27.88
C ALA A 302 31.20 13.20 -29.02
N ALA A 303 31.53 11.94 -29.32
CA ALA A 303 30.84 11.19 -30.38
C ALA A 303 29.31 11.16 -30.19
N LEU A 304 28.85 11.30 -28.95
CA LEU A 304 27.43 11.30 -28.64
C LEU A 304 26.87 12.72 -28.49
N GLY A 305 27.68 13.73 -28.84
CA GLY A 305 27.26 15.13 -28.75
C GLY A 305 27.19 15.59 -27.32
N LEU A 306 28.12 15.11 -26.50
CA LEU A 306 28.16 15.43 -25.08
C LEU A 306 29.56 15.89 -24.65
N PRO A 307 29.62 16.75 -23.63
CA PRO A 307 30.89 17.05 -23.00
C PRO A 307 31.26 15.92 -22.04
N TRP A 308 32.53 15.85 -21.66
CA TRP A 308 32.98 14.82 -20.73
C TRP A 308 32.24 14.95 -19.40
N ILE A 309 31.68 13.84 -18.93
CA ILE A 309 30.94 13.79 -17.66
C ILE A 309 31.81 13.13 -16.58
N PRO A 310 32.02 13.81 -15.45
CA PRO A 310 32.84 13.21 -14.39
C PRO A 310 32.20 11.95 -13.79
N PRO A 311 33.03 10.95 -13.43
CA PRO A 311 32.49 9.68 -12.91
C PRO A 311 31.45 9.79 -11.78
N PRO A 312 31.68 10.66 -10.77
CA PRO A 312 30.70 10.81 -9.69
C PRO A 312 29.28 11.22 -10.10
N LEU A 313 29.14 11.90 -11.24
CA LEU A 313 27.83 12.30 -11.72
C LEU A 313 27.08 11.18 -12.44
N ARG A 314 27.77 10.10 -12.79
CA ARG A 314 27.23 9.07 -13.69
C ARG A 314 26.32 8.08 -12.99
N GLU A 315 25.18 8.58 -12.52
CA GLU A 315 24.18 7.76 -11.84
C GLU A 315 22.80 7.87 -12.50
N ASP A 316 22.75 8.48 -13.69
CA ASP A 316 21.49 8.87 -14.31
C ASP A 316 20.61 9.62 -13.30
N GLN A 317 21.18 10.65 -12.67
CA GLN A 317 20.45 11.51 -11.75
C GLN A 317 20.31 12.92 -12.34
N GLY A 318 20.16 13.01 -13.67
CA GLY A 318 20.02 14.29 -14.35
C GLY A 318 21.29 14.81 -15.01
N GLU A 319 22.40 14.11 -14.84
CA GLU A 319 23.68 14.53 -15.42
C GLU A 319 23.67 14.50 -16.95
N VAL A 320 22.87 13.59 -17.52
CA VAL A 320 22.80 13.45 -18.97
C VAL A 320 22.01 14.62 -19.56
N GLU A 321 20.85 14.92 -18.97
CA GLU A 321 20.05 16.08 -19.36
C GLU A 321 20.87 17.37 -19.27
N ALA A 322 21.60 17.52 -18.17
CA ALA A 322 22.43 18.70 -17.93
C ALA A 322 23.60 18.79 -18.92
N ALA A 323 24.04 17.63 -19.43
CA ALA A 323 25.09 17.59 -20.44
C ALA A 323 24.56 17.99 -21.83
N LEU A 324 23.35 17.54 -22.15
CA LEU A 324 22.70 17.89 -23.42
C LEU A 324 22.52 19.40 -23.55
N GLU A 325 22.01 20.01 -22.48
CA GLU A 325 21.76 21.45 -22.45
C GLU A 325 23.00 22.25 -21.97
N GLY A 326 24.14 21.57 -21.88
CA GLY A 326 25.43 22.23 -21.63
C GLY A 326 25.61 22.88 -20.27
N ARG A 327 24.87 22.41 -19.27
CA ARG A 327 24.93 22.99 -17.92
C ARG A 327 25.31 21.96 -16.86
N LEU A 328 26.47 21.33 -17.06
CA LEU A 328 27.07 20.47 -16.04
C LEU A 328 27.54 21.34 -14.87
N PRO A 329 27.39 20.84 -13.64
CA PRO A 329 27.81 21.62 -12.49
C PRO A 329 29.32 21.75 -12.39
N LYS A 330 29.78 22.87 -11.85
CA LYS A 330 31.20 23.04 -11.52
C LYS A 330 31.47 22.28 -10.22
N LEU A 331 32.47 21.40 -10.24
CA LEU A 331 32.71 20.51 -9.11
C LEU A 331 33.96 20.86 -8.29
N LEU A 332 33.87 20.60 -6.99
CA LEU A 332 34.99 20.71 -6.08
C LEU A 332 36.09 19.73 -6.49
N GLU A 333 37.34 20.09 -6.23
CA GLU A 333 38.47 19.21 -6.54
C GLU A 333 39.43 19.13 -5.34
N LEU A 334 40.04 17.96 -5.16
CA LEU A 334 40.83 17.67 -3.97
C LEU A 334 41.90 18.71 -3.62
N PRO A 335 42.66 19.21 -4.63
CA PRO A 335 43.68 20.21 -4.29
C PRO A 335 43.12 21.55 -3.81
N GLN A 336 41.84 21.84 -4.10
CA GLN A 336 41.18 23.05 -3.63
C GLN A 336 40.88 23.03 -2.13
N VAL A 337 40.78 21.84 -1.55
CA VAL A 337 40.53 21.71 -0.11
C VAL A 337 41.79 22.07 0.67
N LYS A 338 41.66 23.08 1.53
CA LYS A 338 42.81 23.62 2.26
C LYS A 338 42.72 23.30 3.74
N GLY A 339 42.30 22.08 4.08
CA GLY A 339 42.22 21.64 5.47
C GLY A 339 41.12 20.64 5.78
N ASP A 340 41.25 20.02 6.95
CA ASP A 340 40.27 19.04 7.44
C ASP A 340 39.61 19.63 8.68
N LEU A 341 38.28 19.62 8.70
CA LEU A 341 37.52 20.30 9.76
C LEU A 341 36.90 19.38 10.81
N GLN A 342 37.29 18.10 10.84
CA GLN A 342 37.03 17.27 12.01
C GLN A 342 38.07 16.16 12.15
N VAL A 343 39.04 16.40 13.03
CA VAL A 343 39.98 15.36 13.44
C VAL A 343 39.97 15.31 14.96
N HIS A 344 40.28 14.15 15.52
CA HIS A 344 40.33 13.97 16.96
C HIS A 344 41.76 13.67 17.40
N SER A 345 42.00 13.71 18.71
CA SER A 345 43.34 13.62 19.27
C SER A 345 43.37 12.92 20.63
N THR A 346 44.57 12.82 21.21
CA THR A 346 44.76 12.26 22.54
C THR A 346 44.03 13.02 23.67
N TYR A 347 43.58 14.24 23.40
CA TYR A 347 42.69 14.95 24.33
C TYR A 347 41.42 14.14 24.62
N SER A 348 40.96 13.38 23.61
CA SER A 348 39.83 12.46 23.79
C SER A 348 40.09 11.11 23.10
N ASP A 349 39.24 10.72 22.14
CA ASP A 349 39.27 9.37 21.57
C ASP A 349 40.34 9.10 20.50
N GLY A 350 41.07 10.15 20.09
CA GLY A 350 42.08 10.02 19.03
C GLY A 350 43.32 9.27 19.49
N GLN A 351 44.13 8.83 18.52
CA GLN A 351 45.41 8.15 18.81
C GLN A 351 46.61 9.09 18.69
N ASN A 352 46.36 10.35 18.32
CA ASN A 352 47.45 11.27 17.97
C ASN A 352 47.54 12.54 18.81
N THR A 353 48.77 13.03 18.96
CA THR A 353 49.04 14.29 19.62
C THR A 353 48.92 15.43 18.61
N LEU A 354 49.06 16.66 19.09
CA LEU A 354 49.06 17.84 18.22
C LEU A 354 50.23 17.83 17.24
N GLU A 355 51.41 17.46 17.74
CA GLU A 355 52.60 17.38 16.90
C GLU A 355 52.40 16.39 15.76
N GLU A 356 51.86 15.22 16.10
CA GLU A 356 51.58 14.17 15.11
C GLU A 356 50.56 14.63 14.06
N LEU A 357 49.55 15.39 14.50
CA LEU A 357 48.52 15.91 13.60
C LEU A 357 49.11 17.00 12.71
N TRP A 358 49.77 17.96 13.33
CA TRP A 358 50.43 19.05 12.60
C TRP A 358 51.36 18.50 11.53
N GLU A 359 52.21 17.54 11.90
CA GLU A 359 53.12 16.91 10.95
C GLU A 359 52.36 16.25 9.80
N ALA A 360 51.30 15.49 10.13
CA ALA A 360 50.50 14.82 9.11
C ALA A 360 49.85 15.82 8.16
N ALA A 361 49.30 16.90 8.72
CA ALA A 361 48.66 17.95 7.94
C ALA A 361 49.64 18.66 7.01
N LYS A 362 50.84 18.95 7.50
CA LYS A 362 51.88 19.59 6.69
C LYS A 362 52.32 18.70 5.53
N THR A 363 52.47 17.40 5.81
CA THR A 363 52.87 16.41 4.80
C THR A 363 51.88 16.37 3.62
N MET A 364 50.59 16.39 3.93
CA MET A 364 49.54 16.37 2.91
C MET A 364 49.41 17.71 2.16
N GLY A 365 50.05 18.76 2.67
CA GLY A 365 50.01 20.08 2.04
C GLY A 365 48.80 20.91 2.46
N TYR A 366 48.28 20.64 3.65
CA TYR A 366 47.15 21.40 4.18
C TYR A 366 47.57 22.78 4.66
N ARG A 367 46.59 23.68 4.66
CA ARG A 367 46.77 25.05 5.09
C ARG A 367 46.36 25.20 6.56
N TYR A 368 45.40 24.39 6.99
CA TYR A 368 44.98 24.35 8.39
C TYR A 368 44.36 22.98 8.72
N LEU A 369 44.00 22.80 9.99
CA LEU A 369 43.36 21.55 10.43
C LEU A 369 42.64 21.78 11.76
N ALA A 370 41.36 21.42 11.81
CA ALA A 370 40.55 21.63 13.01
C ALA A 370 40.63 20.44 13.96
N VAL A 371 41.21 20.66 15.14
CA VAL A 371 41.30 19.64 16.18
C VAL A 371 40.04 19.68 17.02
N THR A 372 39.09 18.81 16.68
CA THR A 372 37.78 18.79 17.33
C THR A 372 37.61 17.50 18.12
N ASP A 373 37.70 17.60 19.43
CA ASP A 373 37.60 16.43 20.31
C ASP A 373 36.21 16.32 20.94
N HIS A 374 35.87 15.11 21.38
CA HIS A 374 34.55 14.82 21.95
C HIS A 374 34.28 15.60 23.22
N SER A 375 33.01 15.93 23.42
CA SER A 375 32.55 16.51 24.68
C SER A 375 32.47 15.40 25.73
N PRO A 376 32.35 15.76 27.03
CA PRO A 376 32.25 14.75 28.07
C PRO A 376 31.19 13.66 27.84
N ALA A 377 30.07 14.01 27.21
CA ALA A 377 28.97 13.06 26.97
C ALA A 377 29.40 11.69 26.45
N VAL A 378 30.38 11.68 25.54
CA VAL A 378 30.91 10.43 24.98
C VAL A 378 31.20 9.37 26.05
N ARG A 379 31.68 9.82 27.21
CA ARG A 379 31.90 8.96 28.38
C ARG A 379 31.02 9.36 29.60
N VAL A 380 30.71 10.65 29.71
CA VAL A 380 29.98 11.23 30.87
C VAL A 380 30.91 11.52 32.06
N ALA A 381 32.11 12.06 31.77
CA ALA A 381 33.13 12.33 32.78
C ALA A 381 32.98 13.70 33.45
N GLY A 382 33.67 13.87 34.59
CA GLY A 382 33.65 15.12 35.37
C GLY A 382 35.00 15.83 35.53
N GLY A 383 36.06 15.25 34.98
CA GLY A 383 37.39 15.87 35.04
C GLY A 383 38.43 15.04 34.32
N PRO A 384 38.66 15.29 33.00
CA PRO A 384 38.20 16.30 32.04
C PRO A 384 36.81 16.93 32.23
N SER A 385 36.82 18.24 32.52
CA SER A 385 35.61 19.04 32.74
C SER A 385 35.54 20.16 31.70
N PRO A 386 34.47 21.00 31.75
CA PRO A 386 34.47 22.23 30.96
C PRO A 386 35.54 23.27 31.32
N GLU A 387 36.12 23.14 32.52
CA GLU A 387 37.09 24.12 33.03
C GLU A 387 38.41 24.10 32.24
N GLU A 388 38.90 22.90 31.93
CA GLU A 388 40.23 22.73 31.32
C GLU A 388 40.22 22.75 29.79
N ALA A 389 39.06 23.00 29.19
CA ALA A 389 38.96 23.21 27.76
C ALA A 389 39.62 24.54 27.35
N LEU A 390 39.70 25.47 28.30
CA LEU A 390 40.36 26.75 28.10
C LEU A 390 41.87 26.58 27.95
N LYS A 391 42.43 25.71 28.79
CA LYS A 391 43.86 25.42 28.76
C LYS A 391 44.24 24.67 27.47
N ARG A 392 43.31 23.86 26.97
CA ARG A 392 43.48 23.17 25.69
C ARG A 392 43.55 24.18 24.54
N VAL A 393 42.65 25.16 24.58
CA VAL A 393 42.68 26.28 23.63
C VAL A 393 43.97 27.08 23.79
N GLY A 394 44.40 27.26 25.04
CA GLY A 394 45.67 27.92 25.33
C GLY A 394 46.87 27.16 24.81
N GLU A 395 46.86 25.84 24.98
CA GLU A 395 47.96 24.98 24.52
C GLU A 395 48.09 24.96 22.99
N ILE A 396 46.95 25.02 22.31
CA ILE A 396 46.91 25.02 20.84
C ILE A 396 47.35 26.37 20.27
N ARG A 397 47.05 27.45 21.00
CA ARG A 397 47.52 28.79 20.63
C ARG A 397 49.04 28.86 20.59
N ARG A 398 49.68 28.41 21.67
CA ARG A 398 51.15 28.46 21.76
C ARG A 398 51.81 27.53 20.76
N PHE A 399 51.17 26.40 20.48
CA PHE A 399 51.62 25.47 19.43
C PHE A 399 51.72 26.16 18.08
N ASN A 400 50.71 26.95 17.72
CA ASN A 400 50.69 27.68 16.45
C ASN A 400 51.80 28.73 16.34
N GLU A 401 51.98 29.50 17.42
CA GLU A 401 52.98 30.56 17.49
C GLU A 401 54.41 30.03 17.34
N THR A 402 54.65 28.82 17.83
CA THR A 402 55.99 28.22 17.78
C THR A 402 56.23 27.40 16.51
N HIS A 403 55.16 26.81 15.96
CA HIS A 403 55.29 25.94 14.78
C HIS A 403 55.05 26.69 13.46
N GLY A 404 54.17 27.69 13.49
CA GLY A 404 53.76 28.37 12.26
C GLY A 404 52.78 27.49 11.49
N PRO A 405 52.63 27.74 10.18
CA PRO A 405 51.69 26.96 9.36
C PRO A 405 52.09 25.50 9.19
N PRO A 406 51.11 24.59 9.01
CA PRO A 406 49.66 24.84 9.06
C PRO A 406 49.19 25.09 10.48
N TYR A 407 47.98 25.64 10.61
CA TYR A 407 47.45 26.05 11.91
C TYR A 407 46.44 25.05 12.44
N LEU A 408 46.50 24.81 13.75
CA LEU A 408 45.49 24.01 14.43
C LEU A 408 44.43 24.95 14.97
N LEU A 409 43.18 24.65 14.67
CA LEU A 409 42.05 25.40 15.23
C LEU A 409 41.54 24.64 16.45
N ALA A 410 41.35 25.35 17.55
CA ALA A 410 40.75 24.76 18.74
C ALA A 410 39.27 24.53 18.48
N GLY A 411 38.90 23.28 18.27
CA GLY A 411 37.51 22.91 18.03
C GLY A 411 36.97 21.98 19.09
N ALA A 412 35.73 21.52 18.88
CA ALA A 412 35.13 20.52 19.75
C ALA A 412 33.89 19.93 19.10
N GLU A 413 33.74 18.60 19.20
CA GLU A 413 32.50 17.95 18.78
C GLU A 413 31.61 17.83 20.01
N VAL A 414 30.61 18.70 20.09
CA VAL A 414 29.76 18.82 21.26
C VAL A 414 28.49 18.00 21.09
N ASP A 415 28.23 17.12 22.05
CA ASP A 415 27.01 16.30 22.03
C ASP A 415 25.74 17.14 22.08
N ILE A 416 24.71 16.67 21.39
CA ILE A 416 23.38 17.24 21.49
C ILE A 416 22.56 16.34 22.40
N HIS A 417 22.13 16.89 23.53
CA HIS A 417 21.30 16.15 24.49
C HIS A 417 19.96 15.77 23.84
N PRO A 418 19.23 14.80 24.42
CA PRO A 418 17.92 14.40 23.88
C PRO A 418 16.89 15.53 23.67
N ASP A 419 17.01 16.62 24.42
CA ASP A 419 16.08 17.75 24.30
C ASP A 419 16.56 18.83 23.33
N GLY A 420 17.78 18.67 22.79
CA GLY A 420 18.35 19.65 21.88
C GLY A 420 19.37 20.59 22.52
N THR A 421 19.43 20.62 23.83
CA THR A 421 20.47 21.39 24.52
C THR A 421 21.85 20.81 24.25
N LEU A 422 22.88 21.61 24.49
CA LEU A 422 24.25 21.22 24.18
C LEU A 422 25.02 20.76 25.42
N ASP A 423 26.06 19.96 25.18
CA ASP A 423 26.81 19.30 26.24
C ASP A 423 27.79 20.25 26.94
N TYR A 424 28.11 21.37 26.30
CA TYR A 424 29.01 22.38 26.86
C TYR A 424 28.24 23.68 27.12
N PRO A 425 28.43 24.29 28.30
CA PRO A 425 27.86 25.63 28.51
C PRO A 425 28.32 26.63 27.45
N ASP A 426 27.55 27.72 27.29
CA ASP A 426 27.79 28.67 26.21
C ASP A 426 29.13 29.43 26.32
N TRP A 427 29.57 29.71 27.55
CA TRP A 427 30.85 30.42 27.76
C TRP A 427 32.07 29.61 27.28
N VAL A 428 31.96 28.29 27.31
CA VAL A 428 32.99 27.41 26.76
C VAL A 428 32.94 27.43 25.24
N LEU A 429 31.74 27.34 24.70
CA LEU A 429 31.53 27.38 23.25
C LEU A 429 32.00 28.72 22.67
N ARG A 430 31.78 29.79 23.41
CA ARG A 430 32.13 31.15 22.97
C ARG A 430 33.60 31.31 22.61
N GLU A 431 34.48 30.66 23.36
CA GLU A 431 35.92 30.82 23.16
C GLU A 431 36.57 29.71 22.33
N LEU A 432 35.74 28.82 21.78
CA LEU A 432 36.21 27.82 20.83
C LEU A 432 36.20 28.42 19.42
N ASP A 433 37.14 27.99 18.59
CA ASP A 433 37.25 28.49 17.21
C ASP A 433 36.20 27.82 16.32
N LEU A 434 36.06 26.50 16.49
CA LEU A 434 35.13 25.70 15.70
C LEU A 434 34.28 24.80 16.60
N VAL A 435 32.95 24.93 16.49
CA VAL A 435 32.02 24.17 17.30
C VAL A 435 31.20 23.27 16.40
N LEU A 436 31.37 21.96 16.56
CA LEU A 436 30.57 20.98 15.85
C LEU A 436 29.54 20.40 16.81
N VAL A 437 28.30 20.27 16.36
CA VAL A 437 27.28 19.57 17.14
C VAL A 437 26.84 18.31 16.41
N SER A 438 26.47 17.29 17.18
CA SER A 438 26.08 16.01 16.59
C SER A 438 25.32 15.13 17.57
N VAL A 439 24.61 14.13 17.02
CA VAL A 439 23.83 13.16 17.77
C VAL A 439 24.60 11.86 17.98
N HIS A 440 24.75 11.47 19.25
CA HIS A 440 25.32 10.17 19.63
C HIS A 440 24.43 9.44 20.63
N SER A 441 23.12 9.73 20.60
CA SER A 441 22.19 9.08 21.51
C SER A 441 20.75 9.24 21.03
N ARG A 442 19.88 8.37 21.55
CA ARG A 442 18.45 8.45 21.27
C ARG A 442 18.17 8.54 19.76
N PHE A 443 18.48 7.45 19.07
CA PHE A 443 18.32 7.37 17.61
C PHE A 443 16.92 6.96 17.21
N ASN A 444 16.26 6.23 18.09
CA ASN A 444 14.90 5.73 17.84
C ASN A 444 13.79 6.77 18.15
N LEU A 445 14.17 8.02 18.35
CA LEU A 445 13.19 9.07 18.65
C LEU A 445 12.26 9.27 17.46
N PRO A 446 10.99 9.57 17.73
CA PRO A 446 10.09 9.78 16.62
C PRO A 446 10.53 10.97 15.77
N LYS A 447 10.26 10.89 14.49
CA LYS A 447 10.60 11.92 13.51
C LYS A 447 10.44 13.35 14.05
N ALA A 448 9.25 13.66 14.57
CA ALA A 448 8.93 15.01 15.03
C ALA A 448 9.79 15.47 16.21
N ASP A 449 10.05 14.57 17.17
CA ASP A 449 10.92 14.88 18.30
C ASP A 449 12.39 15.06 17.87
N GLN A 450 12.87 14.15 17.02
CA GLN A 450 14.24 14.22 16.53
C GLN A 450 14.49 15.49 15.70
N THR A 451 13.43 15.99 15.06
CA THR A 451 13.50 17.27 14.35
C THR A 451 13.62 18.42 15.35
N LYS A 452 12.77 18.41 16.38
CA LYS A 452 12.80 19.46 17.39
C LYS A 452 14.14 19.50 18.13
N ARG A 453 14.67 18.33 18.43
CA ARG A 453 15.99 18.22 19.06
C ARG A 453 17.04 18.88 18.17
N LEU A 454 17.06 18.52 16.89
CA LEU A 454 18.00 19.10 15.94
C LEU A 454 17.80 20.60 15.79
N LEU A 455 16.55 21.02 15.64
CA LEU A 455 16.22 22.44 15.47
C LEU A 455 16.72 23.32 16.62
N LYS A 456 16.57 22.83 17.85
CA LYS A 456 17.02 23.57 19.03
C LYS A 456 18.54 23.63 19.13
N ALA A 457 19.22 22.59 18.66
CA ALA A 457 20.68 22.62 18.55
C ALA A 457 21.13 23.76 17.63
N LEU A 458 20.37 24.00 16.57
CA LEU A 458 20.71 25.04 15.59
C LEU A 458 20.43 26.47 16.09
N GLU A 459 19.51 26.61 17.05
CA GLU A 459 19.24 27.93 17.64
C GLU A 459 20.41 28.45 18.49
N ASN A 460 21.29 27.56 18.94
CA ASN A 460 22.46 27.97 19.70
C ASN A 460 23.41 28.75 18.79
N PRO A 461 23.66 30.04 19.10
CA PRO A 461 24.41 30.93 18.21
C PRO A 461 25.92 30.68 18.15
N PHE A 462 26.43 29.71 18.91
CA PHE A 462 27.85 29.37 18.87
C PHE A 462 28.14 28.13 18.04
N VAL A 463 27.10 27.56 17.42
CA VAL A 463 27.25 26.36 16.60
C VAL A 463 27.69 26.73 15.19
N HIS A 464 28.78 26.11 14.73
CA HIS A 464 29.33 26.38 13.40
C HIS A 464 28.93 25.34 12.36
N VAL A 465 29.04 24.07 12.72
CA VAL A 465 28.74 22.97 11.80
C VAL A 465 27.85 21.93 12.47
N LEU A 466 26.91 21.38 11.71
CA LEU A 466 26.13 20.23 12.15
C LEU A 466 26.82 18.99 11.58
N ALA A 467 27.44 18.21 12.46
CA ALA A 467 28.36 17.12 12.06
C ALA A 467 27.66 15.81 11.79
N HIS A 468 28.17 15.04 10.83
CA HIS A 468 27.55 13.80 10.35
C HIS A 468 26.06 13.69 10.75
N PRO A 469 25.22 14.55 10.16
CA PRO A 469 23.84 14.84 10.58
C PRO A 469 22.96 13.63 10.84
N THR A 470 22.96 12.67 9.93
CA THR A 470 22.04 11.53 10.01
C THR A 470 22.42 10.51 11.08
N ALA A 471 23.70 10.50 11.48
CA ALA A 471 24.20 9.61 12.52
C ALA A 471 24.30 8.14 12.08
N ARG A 472 24.13 7.88 10.79
CA ARG A 472 24.16 6.50 10.30
C ARG A 472 25.54 5.86 10.43
N LEU A 473 25.55 4.54 10.50
CA LEU A 473 26.78 3.75 10.41
C LEU A 473 26.57 2.69 9.33
N LEU A 474 27.34 2.79 8.25
CA LEU A 474 27.20 1.88 7.11
C LEU A 474 27.36 0.42 7.56
N GLY A 475 26.31 -0.37 7.39
CA GLY A 475 26.30 -1.76 7.83
C GLY A 475 25.84 -1.99 9.26
N ARG A 476 25.88 -0.95 10.10
CA ARG A 476 25.52 -1.09 11.52
C ARG A 476 24.20 -0.38 11.90
N ARG A 477 23.99 0.84 11.41
CA ARG A 477 22.87 1.65 11.90
C ARG A 477 22.30 2.62 10.88
N ALA A 478 20.98 2.60 10.77
CA ALA A 478 20.25 3.43 9.81
C ALA A 478 20.28 4.90 10.20
N PRO A 479 19.93 5.79 9.25
CA PRO A 479 19.80 7.21 9.55
C PRO A 479 18.73 7.46 10.61
N ILE A 480 18.88 8.54 11.36
CA ILE A 480 17.85 8.93 12.30
C ILE A 480 16.65 9.48 11.51
N GLU A 481 15.45 9.24 12.03
CA GLU A 481 14.23 9.76 11.43
C GLU A 481 14.13 11.26 11.64
N ALA A 482 14.14 12.03 10.56
CA ALA A 482 14.11 13.48 10.68
C ALA A 482 13.64 14.17 9.39
N ASP A 483 12.89 15.25 9.55
CA ASP A 483 12.47 16.09 8.44
C ASP A 483 13.65 16.96 8.03
N TRP A 484 14.44 16.47 7.07
CA TRP A 484 15.71 17.09 6.71
C TRP A 484 15.55 18.44 6.00
N GLU A 485 14.40 18.67 5.36
CA GLU A 485 14.16 19.95 4.70
C GLU A 485 14.09 21.06 5.75
N ALA A 486 13.35 20.80 6.82
CA ALA A 486 13.24 21.74 7.93
C ALA A 486 14.59 21.95 8.63
N VAL A 487 15.36 20.87 8.78
CA VAL A 487 16.67 20.94 9.43
C VAL A 487 17.66 21.75 8.60
N PHE A 488 17.72 21.49 7.30
CA PHE A 488 18.59 22.26 6.40
C PHE A 488 18.09 23.70 6.29
N GLN A 489 16.78 23.88 6.26
CA GLN A 489 16.19 25.22 6.27
C GLN A 489 16.71 26.02 7.47
N LYS A 490 16.62 25.43 8.66
CA LYS A 490 17.06 26.12 9.87
C LYS A 490 18.57 26.40 9.86
N ALA A 491 19.36 25.38 9.54
CA ALA A 491 20.82 25.51 9.50
C ALA A 491 21.26 26.63 8.55
N LYS A 492 20.62 26.70 7.38
CA LYS A 492 20.84 27.77 6.41
C LYS A 492 20.57 29.12 7.05
N GLU A 493 19.39 29.25 7.63
CA GLU A 493 18.96 30.51 8.25
C GLU A 493 19.85 30.96 9.40
N LYS A 494 20.49 30.02 10.09
CA LYS A 494 21.41 30.34 11.19
C LYS A 494 22.88 30.39 10.75
N GLY A 495 23.15 30.15 9.47
CA GLY A 495 24.52 30.20 8.94
C GLY A 495 25.38 29.00 9.32
N VAL A 496 24.74 27.94 9.82
CA VAL A 496 25.45 26.72 10.18
C VAL A 496 25.70 25.89 8.93
N ALA A 497 26.92 25.36 8.82
CA ALA A 497 27.27 24.48 7.70
C ALA A 497 26.86 23.05 8.02
N VAL A 498 26.59 22.27 6.96
CA VAL A 498 26.33 20.82 7.11
C VAL A 498 27.58 20.04 6.72
N GLU A 499 27.89 19.01 7.50
CA GLU A 499 29.15 18.27 7.32
C GLU A 499 28.99 17.12 6.34
N ILE A 500 29.99 16.97 5.46
CA ILE A 500 30.18 15.73 4.75
C ILE A 500 31.37 15.07 5.45
N ASP A 501 31.04 14.10 6.31
CA ASP A 501 32.02 13.39 7.10
C ASP A 501 32.49 12.18 6.30
N GLY A 502 33.75 12.21 5.88
CA GLY A 502 34.31 11.19 4.99
C GLY A 502 34.80 9.91 5.66
N TYR A 503 34.67 9.80 6.99
CA TYR A 503 35.10 8.60 7.71
C TYR A 503 34.40 7.40 7.11
N TYR A 504 35.15 6.30 6.94
CA TYR A 504 34.72 5.21 6.06
C TYR A 504 33.34 4.61 6.38
N ASP A 505 33.02 4.46 7.66
CA ASP A 505 31.72 3.87 8.04
C ASP A 505 30.61 4.89 8.27
N ARG A 506 30.86 6.18 8.06
CA ARG A 506 29.80 7.20 8.14
C ARG A 506 29.35 7.74 6.77
N MET A 507 30.26 8.38 6.04
CA MET A 507 29.96 8.98 4.74
C MET A 507 28.66 9.78 4.79
N ASP A 508 28.60 10.73 5.73
CA ASP A 508 27.36 11.40 6.15
C ASP A 508 27.65 12.90 6.25
N LEU A 509 26.96 13.77 5.51
CA LEU A 509 25.78 13.47 4.68
C LEU A 509 26.02 12.52 3.51
N PRO A 510 25.03 11.69 3.19
CA PRO A 510 25.08 10.92 1.96
C PRO A 510 24.94 11.83 0.74
N ASP A 511 25.48 11.37 -0.39
CA ASP A 511 25.42 12.11 -1.65
C ASP A 511 24.11 12.86 -1.86
N ASP A 512 22.98 12.16 -1.76
CA ASP A 512 21.70 12.78 -2.14
C ASP A 512 21.05 13.67 -1.07
N LEU A 513 21.40 13.49 0.20
CA LEU A 513 21.06 14.50 1.21
C LEU A 513 21.99 15.70 1.06
N ALA A 514 23.26 15.43 0.74
CA ALA A 514 24.22 16.49 0.47
C ALA A 514 23.82 17.35 -0.74
N ARG A 515 23.30 16.71 -1.78
CA ARG A 515 22.84 17.43 -2.97
C ARG A 515 21.62 18.29 -2.65
N MET A 516 20.75 17.78 -1.78
CA MET A 516 19.59 18.54 -1.34
C MET A 516 20.03 19.79 -0.56
N ALA A 517 20.83 19.60 0.48
CA ALA A 517 21.31 20.71 1.30
C ALA A 517 21.95 21.79 0.43
N TYR A 518 22.91 21.40 -0.40
CA TYR A 518 23.66 22.34 -1.20
C TYR A 518 22.78 23.07 -2.21
N GLY A 519 21.76 22.37 -2.71
CA GLY A 519 20.79 22.96 -3.64
C GLY A 519 19.97 24.05 -2.99
N MET A 520 19.73 23.91 -1.68
CA MET A 520 19.00 24.90 -0.90
C MET A 520 19.86 26.11 -0.51
N GLY A 521 21.13 26.10 -0.89
CA GLY A 521 22.04 27.22 -0.63
C GLY A 521 22.79 27.14 0.70
N LEU A 522 22.94 25.93 1.24
CA LEU A 522 23.65 25.76 2.51
C LEU A 522 25.16 25.79 2.33
N TRP A 523 25.87 26.12 3.41
CA TRP A 523 27.32 25.97 3.47
C TRP A 523 27.67 24.53 3.84
N ILE A 524 28.82 24.06 3.36
CA ILE A 524 29.24 22.67 3.52
C ILE A 524 30.59 22.59 4.23
N SER A 525 30.75 21.60 5.09
CA SER A 525 32.04 21.33 5.74
C SER A 525 32.50 19.90 5.43
N LEU A 526 33.79 19.75 5.16
CA LEU A 526 34.37 18.48 4.77
C LEU A 526 35.31 17.99 5.86
N SER A 527 35.20 16.73 6.24
CA SER A 527 36.10 16.17 7.24
C SER A 527 36.35 14.68 7.03
N THR A 528 37.32 14.14 7.78
CA THR A 528 37.60 12.72 7.80
C THR A 528 37.31 12.07 9.14
N ASP A 529 37.03 12.87 10.17
CA ASP A 529 36.77 12.36 11.51
C ASP A 529 37.94 11.52 12.01
N ALA A 530 39.16 11.96 11.68
CA ALA A 530 40.36 11.17 11.88
C ALA A 530 40.65 10.88 13.36
N HIS A 531 40.91 9.61 13.66
CA HIS A 531 41.45 9.17 14.95
C HIS A 531 42.88 8.63 14.82
N GLN A 532 43.35 8.46 13.59
CA GLN A 532 44.77 8.19 13.32
C GLN A 532 45.18 8.84 12.00
N THR A 533 46.45 9.18 11.86
CA THR A 533 46.92 9.97 10.70
C THR A 533 46.59 9.33 9.35
N ASP A 534 46.54 8.00 9.32
CA ASP A 534 45.99 7.25 8.19
C ASP A 534 44.66 7.84 7.71
N HIS A 535 43.78 8.11 8.66
CA HIS A 535 42.40 8.52 8.35
C HIS A 535 42.27 9.82 7.57
N LEU A 536 43.27 10.69 7.65
CA LEU A 536 43.27 11.95 6.90
C LEU A 536 43.21 11.73 5.37
N ARG A 537 43.68 10.57 4.93
CA ARG A 537 43.57 10.16 3.52
C ARG A 537 42.13 9.91 3.04
N PHE A 538 41.16 9.95 3.96
CA PHE A 538 39.74 9.84 3.59
C PHE A 538 39.14 11.13 3.01
N MET A 539 39.88 12.24 3.05
CA MET A 539 39.36 13.51 2.50
C MET A 539 38.91 13.32 1.06
N GLU A 540 39.67 12.51 0.33
CA GLU A 540 39.34 12.08 -1.03
C GLU A 540 37.88 11.63 -1.19
N LEU A 541 37.35 10.98 -0.17
CA LEU A 541 36.02 10.38 -0.20
C LEU A 541 34.90 11.39 0.08
N ALA A 542 35.15 12.34 0.99
CA ALA A 542 34.22 13.42 1.26
C ALA A 542 34.11 14.31 0.03
N VAL A 543 35.25 14.54 -0.62
CA VAL A 543 35.31 15.30 -1.86
C VAL A 543 34.50 14.60 -2.95
N GLY A 544 34.79 13.30 -3.13
CA GLY A 544 34.05 12.47 -4.08
C GLY A 544 32.56 12.47 -3.82
N THR A 545 32.17 12.41 -2.55
CA THR A 545 30.76 12.52 -2.18
C THR A 545 30.22 13.91 -2.51
N ALA A 546 31.04 14.94 -2.26
CA ALA A 546 30.69 16.30 -2.67
C ALA A 546 30.43 16.33 -4.17
N GLN A 547 31.33 15.68 -4.92
CA GLN A 547 31.25 15.65 -6.38
C GLN A 547 30.01 14.92 -6.87
N ARG A 548 29.68 13.79 -6.24
CA ARG A 548 28.44 13.06 -6.55
C ARG A 548 27.20 13.93 -6.37
N ALA A 549 27.27 14.87 -5.41
CA ALA A 549 26.12 15.73 -5.09
C ALA A 549 26.12 17.05 -5.87
N TRP A 550 26.84 17.11 -6.99
CA TRP A 550 26.87 18.29 -7.85
C TRP A 550 27.36 19.55 -7.11
N ILE A 551 28.28 19.37 -6.16
CA ILE A 551 28.74 20.45 -5.28
C ILE A 551 30.04 21.06 -5.78
N GLY A 552 30.07 22.40 -5.83
CA GLY A 552 31.25 23.14 -6.25
C GLY A 552 32.02 23.70 -5.06
N PRO A 553 33.04 24.53 -5.32
CA PRO A 553 33.83 25.11 -4.24
C PRO A 553 33.10 26.23 -3.50
N GLU A 554 32.08 26.81 -4.13
CA GLU A 554 31.27 27.84 -3.47
C GLU A 554 30.56 27.24 -2.27
N ARG A 555 30.49 28.01 -1.19
CA ARG A 555 29.82 27.60 0.05
C ARG A 555 30.40 26.32 0.65
N VAL A 556 31.71 26.12 0.48
CA VAL A 556 32.43 25.03 1.12
C VAL A 556 33.55 25.62 1.97
N LEU A 557 33.49 25.40 3.28
CA LEU A 557 34.39 26.05 4.23
C LEU A 557 35.86 25.74 4.02
N ASN A 558 36.15 24.60 3.40
CA ASN A 558 37.51 24.09 3.28
C ASN A 558 38.30 24.79 2.18
N THR A 559 37.59 25.40 1.23
CA THR A 559 38.23 26.11 0.12
C THR A 559 38.65 27.53 0.50
N LEU A 560 38.07 28.06 1.57
CA LEU A 560 38.52 29.32 2.15
C LEU A 560 39.92 29.13 2.73
N ASP A 561 40.73 30.19 2.69
CA ASP A 561 42.05 30.17 3.31
C ASP A 561 41.89 30.33 4.82
N TYR A 562 43.00 30.21 5.57
CA TYR A 562 42.97 30.32 7.02
C TYR A 562 42.26 31.58 7.51
N GLU A 563 42.61 32.72 6.92
CA GLU A 563 42.06 34.02 7.31
C GLU A 563 40.56 34.10 7.08
N ASP A 564 40.13 33.70 5.89
CA ASP A 564 38.72 33.76 5.51
C ASP A 564 37.86 32.77 6.31
N LEU A 565 38.45 31.64 6.72
CA LEU A 565 37.75 30.68 7.57
C LEU A 565 37.44 31.32 8.93
N LEU A 566 38.45 31.94 9.53
CA LEU A 566 38.29 32.63 10.83
C LEU A 566 37.23 33.74 10.76
N SER A 567 37.25 34.53 9.70
CA SER A 567 36.23 35.56 9.49
C SER A 567 34.84 34.96 9.53
N TRP A 568 34.66 33.92 8.72
CA TRP A 568 33.39 33.19 8.65
C TRP A 568 32.99 32.63 10.04
N LEU A 569 33.97 32.14 10.78
CA LEU A 569 33.73 31.60 12.12
C LEU A 569 33.46 32.71 13.14
N LYS A 570 34.29 33.75 13.13
CA LYS A 570 34.18 34.85 14.09
C LYS A 570 32.87 35.65 13.90
N ALA A 571 32.30 35.61 12.71
CA ALA A 571 31.02 36.27 12.43
C ALA A 571 29.83 35.31 12.63
N ARG A 572 29.91 34.46 13.66
CA ARG A 572 28.93 33.40 13.94
C ARG A 572 28.27 32.82 12.68
N MET B 1 -43.96 -5.15 11.14
CA MET B 1 -43.70 -4.91 9.69
C MET B 1 -44.10 -6.16 8.91
N ARG B 2 -45.09 -5.99 8.03
CA ARG B 2 -45.79 -7.12 7.43
C ARG B 2 -45.11 -7.62 6.13
N ASN B 3 -43.95 -7.07 5.80
CA ASN B 3 -43.29 -7.35 4.51
C ASN B 3 -42.96 -8.83 4.28
N GLN B 4 -42.10 -9.39 5.13
CA GLN B 4 -41.59 -10.75 4.92
C GLN B 4 -42.71 -11.81 5.01
N GLU B 5 -43.74 -11.52 5.79
CA GLU B 5 -44.91 -12.39 5.90
C GLU B 5 -45.70 -12.39 4.58
N LEU B 6 -45.86 -11.21 4.00
CA LEU B 6 -46.61 -11.04 2.74
C LEU B 6 -45.83 -11.58 1.53
N ALA B 7 -44.50 -11.44 1.58
CA ALA B 7 -43.64 -12.02 0.56
C ALA B 7 -43.77 -13.53 0.54
N ARG B 8 -43.75 -14.13 1.73
CA ARG B 8 -43.92 -15.58 1.89
C ARG B 8 -45.24 -16.03 1.29
N ILE B 9 -46.30 -15.26 1.53
CA ILE B 9 -47.61 -15.58 0.97
C ILE B 9 -47.59 -15.57 -0.56
N PHE B 10 -47.01 -14.53 -1.16
CA PHE B 10 -46.86 -14.47 -2.61
C PHE B 10 -45.93 -15.57 -3.14
N GLU B 11 -44.86 -15.86 -2.40
CA GLU B 11 -43.94 -16.92 -2.77
C GLU B 11 -44.68 -18.25 -2.82
N GLU B 12 -45.50 -18.51 -1.80
CA GLU B 12 -46.30 -19.74 -1.75
C GLU B 12 -47.36 -19.78 -2.84
N ILE B 13 -47.97 -18.63 -3.13
CA ILE B 13 -48.95 -18.54 -4.21
C ILE B 13 -48.31 -18.92 -5.55
N GLY B 14 -47.10 -18.44 -5.78
CA GLY B 14 -46.34 -18.78 -6.99
C GLY B 14 -45.96 -20.24 -7.08
N LEU B 15 -45.42 -20.78 -5.99
CA LEU B 15 -44.93 -22.16 -5.96
C LEU B 15 -46.06 -23.17 -6.13
N MET B 16 -47.14 -22.96 -5.38
CA MET B 16 -48.33 -23.80 -5.50
C MET B 16 -48.91 -23.77 -6.92
N SER B 17 -48.94 -22.59 -7.54
CA SER B 17 -49.44 -22.45 -8.91
C SER B 17 -48.53 -23.11 -9.93
N GLU B 18 -47.22 -23.05 -9.69
CA GLU B 18 -46.23 -23.74 -10.52
C GLU B 18 -46.40 -25.26 -10.45
N PHE B 19 -46.78 -25.74 -9.26
CA PHE B 19 -47.04 -27.16 -9.01
C PHE B 19 -48.26 -27.65 -9.80
N LEU B 20 -49.36 -26.90 -9.73
CA LEU B 20 -50.58 -27.23 -10.48
C LEU B 20 -50.41 -27.03 -12.00
N GLY B 21 -49.37 -26.30 -12.41
CA GLY B 21 -49.02 -26.13 -13.82
C GLY B 21 -49.60 -24.89 -14.44
N ASP B 22 -49.59 -23.78 -13.69
CA ASP B 22 -50.19 -22.52 -14.14
C ASP B 22 -49.33 -21.84 -15.20
N ASN B 23 -49.90 -20.82 -15.82
CA ASN B 23 -49.15 -19.84 -16.60
C ASN B 23 -47.83 -19.49 -15.90
N PRO B 24 -46.69 -19.92 -16.48
CA PRO B 24 -45.39 -19.70 -15.84
C PRO B 24 -44.96 -18.23 -15.72
N PHE B 25 -45.59 -17.34 -16.49
CA PHE B 25 -45.36 -15.90 -16.36
C PHE B 25 -46.19 -15.29 -15.23
N ARG B 26 -47.37 -15.85 -14.99
CA ARG B 26 -48.14 -15.52 -13.79
C ARG B 26 -47.41 -16.03 -12.54
N VAL B 27 -46.94 -17.29 -12.62
CA VAL B 27 -46.12 -17.87 -11.55
C VAL B 27 -44.95 -16.95 -11.22
N ARG B 28 -44.29 -16.47 -12.28
CA ARG B 28 -43.13 -15.59 -12.16
C ARG B 28 -43.49 -14.19 -11.63
N ALA B 29 -44.70 -13.73 -11.92
CA ALA B 29 -45.17 -12.45 -11.40
C ALA B 29 -45.20 -12.47 -9.87
N TYR B 30 -45.58 -13.61 -9.30
CA TYR B 30 -45.63 -13.77 -7.85
C TYR B 30 -44.24 -13.84 -7.21
N HIS B 31 -43.36 -14.68 -7.74
CA HIS B 31 -41.98 -14.77 -7.24
C HIS B 31 -41.32 -13.41 -7.13
N GLN B 32 -41.42 -12.64 -8.20
CA GLN B 32 -40.78 -11.34 -8.29
C GLN B 32 -41.41 -10.32 -7.33
N ALA B 33 -42.73 -10.36 -7.21
CA ALA B 33 -43.43 -9.54 -6.21
C ALA B 33 -42.96 -9.92 -4.81
N ALA B 34 -42.81 -11.22 -4.58
CA ALA B 34 -42.31 -11.72 -3.30
C ALA B 34 -40.90 -11.22 -3.00
N ARG B 35 -40.03 -11.18 -4.02
CA ARG B 35 -38.65 -10.74 -3.84
C ARG B 35 -38.55 -9.24 -3.58
N THR B 36 -39.39 -8.47 -4.28
CA THR B 36 -39.50 -7.03 -4.03
C THR B 36 -39.81 -6.76 -2.56
N LEU B 37 -40.75 -7.52 -2.00
CA LEU B 37 -41.20 -7.30 -0.63
C LEU B 37 -40.19 -7.77 0.42
N TYR B 38 -39.56 -8.92 0.17
CA TYR B 38 -38.47 -9.42 1.02
C TYR B 38 -37.37 -8.37 1.20
N ASP B 39 -36.97 -7.73 0.12
CA ASP B 39 -35.89 -6.74 0.12
C ASP B 39 -36.33 -5.35 0.56
N LEU B 40 -37.63 -5.07 0.52
CA LEU B 40 -38.15 -3.76 0.91
C LEU B 40 -38.09 -3.60 2.43
N ASP B 41 -37.58 -2.45 2.88
CA ASP B 41 -37.46 -2.17 4.32
C ASP B 41 -38.43 -1.11 4.81
N THR B 42 -38.94 -0.27 3.90
CA THR B 42 -40.03 0.63 4.27
C THR B 42 -41.28 -0.22 4.51
N PRO B 43 -41.88 -0.11 5.71
CA PRO B 43 -43.08 -0.90 5.99
C PRO B 43 -44.11 -0.77 4.89
N ILE B 44 -44.68 -1.90 4.47
CA ILE B 44 -45.63 -1.92 3.35
C ILE B 44 -46.95 -1.24 3.71
N GLU B 45 -47.37 -1.37 4.98
CA GLU B 45 -48.57 -0.72 5.50
C GLU B 45 -48.54 0.78 5.20
N GLU B 46 -47.39 1.41 5.44
CA GLU B 46 -47.20 2.84 5.21
C GLU B 46 -47.45 3.24 3.76
N ILE B 47 -46.86 2.47 2.84
CA ILE B 47 -47.06 2.67 1.41
C ILE B 47 -48.52 2.39 1.04
N ALA B 48 -49.07 1.35 1.64
CA ALA B 48 -50.48 0.97 1.44
C ALA B 48 -51.43 2.11 1.78
N GLU B 49 -51.12 2.86 2.83
CA GLU B 49 -51.96 3.97 3.26
C GLU B 49 -51.95 5.18 2.30
N LYS B 50 -51.06 5.15 1.30
CA LYS B 50 -51.10 6.13 0.20
C LYS B 50 -51.86 5.59 -1.03
N GLY B 51 -52.53 4.45 -0.88
CA GLY B 51 -53.43 3.94 -1.91
C GLY B 51 -52.76 3.20 -3.06
N LYS B 52 -53.59 2.60 -3.92
CA LYS B 52 -53.15 1.72 -5.01
C LYS B 52 -51.92 2.20 -5.79
N GLU B 53 -52.04 3.36 -6.43
CA GLU B 53 -50.98 3.83 -7.34
C GLU B 53 -49.65 4.08 -6.64
N ALA B 54 -49.69 4.36 -5.34
CA ALA B 54 -48.48 4.40 -4.52
C ALA B 54 -47.89 2.99 -4.36
N LEU B 55 -48.75 2.00 -4.13
CA LEU B 55 -48.32 0.61 -4.09
C LEU B 55 -47.81 0.15 -5.46
N MET B 56 -48.41 0.67 -6.53
CA MET B 56 -48.02 0.32 -7.90
C MET B 56 -46.72 0.99 -8.37
N GLU B 57 -46.19 1.92 -7.58
CA GLU B 57 -44.85 2.46 -7.83
C GLU B 57 -43.79 1.35 -7.72
N LEU B 58 -44.10 0.32 -6.94
CA LEU B 58 -43.18 -0.79 -6.70
C LEU B 58 -42.99 -1.63 -7.97
N PRO B 59 -41.76 -2.14 -8.19
CA PRO B 59 -41.53 -3.01 -9.34
C PRO B 59 -42.20 -4.36 -9.13
N GLY B 60 -42.99 -4.79 -10.11
CA GLY B 60 -43.69 -6.07 -10.05
C GLY B 60 -45.09 -5.98 -9.47
N VAL B 61 -45.51 -4.80 -9.04
CA VAL B 61 -46.85 -4.62 -8.46
C VAL B 61 -47.71 -3.78 -9.38
N GLY B 62 -48.83 -4.36 -9.82
CA GLY B 62 -49.81 -3.67 -10.65
C GLY B 62 -51.16 -3.73 -9.99
N PRO B 63 -52.23 -3.43 -10.74
CA PRO B 63 -53.61 -3.39 -10.21
C PRO B 63 -53.99 -4.60 -9.37
N ASP B 64 -53.62 -5.78 -9.86
CA ASP B 64 -54.02 -7.05 -9.25
C ASP B 64 -53.28 -7.27 -7.93
N LEU B 65 -51.95 -7.23 -7.97
CA LEU B 65 -51.12 -7.50 -6.80
C LEU B 65 -51.21 -6.37 -5.77
N ALA B 66 -51.44 -5.15 -6.25
CA ALA B 66 -51.70 -4.01 -5.36
C ALA B 66 -52.94 -4.28 -4.52
N GLU B 67 -53.97 -4.84 -5.16
CA GLU B 67 -55.21 -5.15 -4.48
C GLU B 67 -55.03 -6.36 -3.55
N LYS B 68 -54.16 -7.28 -3.94
CA LYS B 68 -53.82 -8.41 -3.06
C LYS B 68 -53.07 -7.93 -1.82
N ILE B 69 -52.28 -6.87 -1.96
CA ILE B 69 -51.59 -6.27 -0.84
C ILE B 69 -52.57 -5.61 0.13
N LEU B 70 -53.50 -4.81 -0.40
CA LEU B 70 -54.51 -4.16 0.43
C LEU B 70 -55.42 -5.16 1.13
N GLU B 71 -55.69 -6.29 0.47
CA GLU B 71 -56.49 -7.36 1.07
C GLU B 71 -55.80 -7.92 2.32
N PHE B 72 -54.56 -8.35 2.16
CA PHE B 72 -53.78 -8.93 3.26
C PHE B 72 -53.72 -8.00 4.47
N LEU B 73 -53.45 -6.73 4.23
CA LEU B 73 -53.40 -5.74 5.30
C LEU B 73 -54.79 -5.50 5.90
N ARG B 74 -55.82 -5.65 5.07
CA ARG B 74 -57.20 -5.44 5.48
C ARG B 74 -57.76 -6.62 6.28
N THR B 75 -57.49 -7.85 5.82
CA THR B 75 -58.14 -9.04 6.37
C THR B 75 -57.18 -10.07 7.01
N GLY B 76 -55.89 -9.94 6.78
CA GLY B 76 -54.90 -10.85 7.34
C GLY B 76 -54.44 -11.96 6.40
N LYS B 77 -55.21 -12.24 5.35
CA LYS B 77 -54.86 -13.29 4.40
C LYS B 77 -55.34 -12.99 2.97
N VAL B 78 -54.93 -13.84 2.03
CA VAL B 78 -55.30 -13.72 0.61
C VAL B 78 -56.06 -14.97 0.15
N ARG B 79 -57.20 -14.77 -0.52
CA ARG B 79 -58.08 -15.88 -0.87
C ARG B 79 -57.55 -16.79 -1.99
N LYS B 80 -56.64 -16.26 -2.83
CA LYS B 80 -55.94 -17.09 -3.82
C LYS B 80 -55.04 -18.09 -3.10
N HIS B 81 -54.38 -17.63 -2.05
CA HIS B 81 -53.56 -18.49 -1.20
C HIS B 81 -54.41 -19.56 -0.52
N GLU B 82 -55.56 -19.14 0.02
CA GLU B 82 -56.50 -20.05 0.68
C GLU B 82 -56.98 -21.14 -0.25
N GLU B 83 -57.35 -20.76 -1.47
CA GLU B 83 -57.82 -21.71 -2.47
C GLU B 83 -56.72 -22.69 -2.89
N LEU B 84 -55.58 -22.16 -3.33
CA LEU B 84 -54.47 -23.00 -3.77
C LEU B 84 -54.01 -23.93 -2.66
N SER B 85 -53.97 -23.42 -1.43
CA SER B 85 -53.63 -24.20 -0.25
C SER B 85 -54.53 -25.43 -0.09
N ARG B 86 -55.80 -25.32 -0.47
CA ARG B 86 -56.70 -26.47 -0.46
C ARG B 86 -56.20 -27.52 -1.45
N LYS B 87 -55.88 -27.07 -2.67
CA LYS B 87 -55.51 -27.97 -3.76
C LYS B 87 -54.08 -28.50 -3.69
N VAL B 88 -53.26 -27.98 -2.77
CA VAL B 88 -51.85 -28.37 -2.67
C VAL B 88 -51.38 -28.50 -1.21
N PRO B 89 -50.60 -29.55 -0.89
CA PRO B 89 -50.07 -29.67 0.46
C PRO B 89 -49.11 -28.55 0.87
N ARG B 90 -48.99 -28.33 2.18
CA ARG B 90 -48.04 -27.38 2.75
C ARG B 90 -46.60 -27.88 2.60
N GLY B 91 -46.42 -29.20 2.71
CA GLY B 91 -45.09 -29.80 2.71
C GLY B 91 -44.41 -29.85 1.36
N VAL B 92 -45.19 -29.91 0.28
CA VAL B 92 -44.62 -29.89 -1.06
C VAL B 92 -43.87 -28.58 -1.32
N LEU B 93 -44.31 -27.50 -0.67
CA LEU B 93 -43.64 -26.21 -0.74
C LEU B 93 -42.21 -26.31 -0.19
N GLU B 94 -42.07 -26.90 0.99
CA GLU B 94 -40.75 -27.04 1.61
C GLU B 94 -39.85 -28.00 0.81
N VAL B 95 -40.47 -28.96 0.12
CA VAL B 95 -39.73 -29.90 -0.72
C VAL B 95 -39.10 -29.24 -1.93
N MET B 96 -39.88 -28.44 -2.65
CA MET B 96 -39.39 -27.77 -3.85
C MET B 96 -38.58 -26.49 -3.56
N GLU B 97 -38.32 -26.23 -2.28
CA GLU B 97 -37.34 -25.23 -1.88
C GLU B 97 -35.93 -25.83 -1.84
N VAL B 98 -35.85 -27.15 -1.99
CA VAL B 98 -34.56 -27.82 -2.16
C VAL B 98 -33.98 -27.45 -3.53
N PRO B 99 -32.70 -27.02 -3.58
CA PRO B 99 -32.08 -26.71 -4.87
C PRO B 99 -32.10 -27.89 -5.84
N GLY B 100 -32.37 -27.60 -7.11
CA GLY B 100 -32.42 -28.63 -8.15
C GLY B 100 -33.72 -29.41 -8.21
N VAL B 101 -34.65 -29.12 -7.29
CA VAL B 101 -35.94 -29.80 -7.28
C VAL B 101 -36.94 -29.06 -8.18
N GLY B 102 -37.58 -28.03 -7.68
CA GLY B 102 -38.57 -27.30 -8.49
C GLY B 102 -39.83 -28.11 -8.78
N PRO B 103 -40.77 -27.50 -9.52
CA PRO B 103 -42.16 -27.99 -9.65
C PRO B 103 -42.29 -29.41 -10.21
N LYS B 104 -41.75 -29.64 -11.39
CA LYS B 104 -42.02 -30.87 -12.14
C LYS B 104 -41.39 -32.10 -11.49
N THR B 105 -40.30 -31.88 -10.74
CA THR B 105 -39.68 -32.96 -9.96
C THR B 105 -40.44 -33.23 -8.66
N ALA B 106 -40.89 -32.16 -8.00
CA ALA B 106 -41.68 -32.29 -6.78
C ALA B 106 -43.00 -33.01 -7.03
N ARG B 107 -43.57 -32.76 -8.21
CA ARG B 107 -44.81 -33.40 -8.64
C ARG B 107 -44.63 -34.91 -8.82
N LEU B 108 -43.48 -35.33 -9.37
CA LEU B 108 -43.20 -36.75 -9.57
C LEU B 108 -42.93 -37.47 -8.26
N LEU B 109 -42.22 -36.83 -7.34
CA LEU B 109 -41.94 -37.40 -6.02
C LEU B 109 -43.22 -37.61 -5.21
N TYR B 110 -44.13 -36.65 -5.27
CA TYR B 110 -45.39 -36.73 -4.54
C TYR B 110 -46.36 -37.77 -5.15
N GLU B 111 -46.26 -37.99 -6.46
CA GLU B 111 -47.11 -38.97 -7.14
C GLU B 111 -46.54 -40.38 -7.01
N GLY B 112 -45.22 -40.50 -7.19
CA GLY B 112 -44.54 -41.79 -7.21
C GLY B 112 -44.08 -42.33 -5.85
N LEU B 113 -43.92 -41.43 -4.87
CA LEU B 113 -43.52 -41.83 -3.51
C LEU B 113 -44.29 -41.11 -2.39
N GLY B 114 -45.24 -40.25 -2.74
CA GLY B 114 -46.00 -39.51 -1.75
C GLY B 114 -45.16 -38.64 -0.83
N ILE B 115 -44.04 -38.13 -1.37
CA ILE B 115 -43.11 -37.32 -0.59
C ILE B 115 -43.64 -35.88 -0.50
N ASP B 116 -43.85 -35.42 0.73
CA ASP B 116 -44.36 -34.07 0.97
C ASP B 116 -43.75 -33.45 2.24
N SER B 117 -42.45 -33.69 2.43
CA SER B 117 -41.66 -33.04 3.49
C SER B 117 -40.20 -33.40 3.29
N LEU B 118 -39.30 -32.55 3.78
CA LEU B 118 -37.87 -32.87 3.75
C LEU B 118 -37.62 -34.21 4.43
N GLU B 119 -38.30 -34.44 5.55
CA GLU B 119 -38.08 -35.64 6.38
C GLU B 119 -38.46 -36.91 5.64
N LYS B 120 -39.55 -36.87 4.88
CA LYS B 120 -39.95 -38.00 4.05
C LYS B 120 -39.02 -38.16 2.85
N LEU B 121 -38.65 -37.04 2.24
CA LEU B 121 -37.67 -37.04 1.13
C LEU B 121 -36.34 -37.60 1.60
N LYS B 122 -35.88 -37.09 2.75
CA LYS B 122 -34.60 -37.51 3.34
C LYS B 122 -34.57 -39.01 3.57
N ALA B 123 -35.66 -39.53 4.14
CA ALA B 123 -35.81 -40.97 4.40
C ALA B 123 -35.88 -41.79 3.11
N ALA B 124 -36.41 -41.20 2.05
CA ALA B 124 -36.56 -41.90 0.76
C ALA B 124 -35.24 -42.39 0.19
N LEU B 125 -34.23 -41.52 0.15
CA LEU B 125 -32.92 -41.86 -0.42
C LEU B 125 -32.06 -42.69 0.54
N ASP B 126 -32.23 -42.47 1.84
CA ASP B 126 -31.56 -43.29 2.86
C ASP B 126 -31.90 -44.77 2.66
N ARG B 127 -33.14 -45.04 2.25
CA ARG B 127 -33.51 -46.38 1.77
C ARG B 127 -32.85 -46.65 0.42
N GLY B 128 -33.03 -45.71 -0.51
CA GLY B 128 -32.66 -45.89 -1.91
C GLY B 128 -33.88 -46.05 -2.81
N ASP B 129 -35.01 -45.51 -2.36
CA ASP B 129 -36.27 -45.59 -3.11
C ASP B 129 -36.24 -44.65 -4.31
N LEU B 130 -35.46 -43.57 -4.19
CA LEU B 130 -35.28 -42.60 -5.27
C LEU B 130 -34.34 -43.09 -6.40
N THR B 131 -33.91 -44.36 -6.32
CA THR B 131 -33.06 -44.95 -7.36
C THR B 131 -33.86 -45.82 -8.34
N ARG B 132 -35.14 -46.05 -8.06
CA ARG B 132 -36.01 -46.84 -8.95
C ARG B 132 -37.38 -46.17 -9.12
N LEU B 133 -37.50 -45.25 -10.09
CA LEU B 133 -38.76 -44.51 -10.27
C LEU B 133 -39.00 -44.02 -11.72
N LYS B 134 -40.02 -43.17 -11.86
CA LYS B 134 -40.34 -42.51 -13.14
C LYS B 134 -39.25 -41.52 -13.55
N GLY B 135 -38.31 -41.97 -14.36
CA GLY B 135 -37.23 -41.12 -14.87
C GLY B 135 -36.17 -40.75 -13.83
N PHE B 136 -36.24 -41.37 -12.66
CA PHE B 136 -35.26 -41.14 -11.59
C PHE B 136 -34.33 -42.34 -11.50
N GLY B 137 -33.12 -42.09 -11.01
CA GLY B 137 -32.10 -43.13 -10.92
C GLY B 137 -31.04 -42.80 -9.88
N PRO B 138 -29.90 -43.54 -9.93
CA PRO B 138 -28.85 -43.37 -8.92
C PRO B 138 -28.13 -42.03 -8.99
N LYS B 139 -28.10 -41.40 -10.16
CA LYS B 139 -27.40 -40.13 -10.34
C LYS B 139 -28.28 -38.95 -9.93
N ARG B 140 -29.53 -38.93 -10.40
CA ARG B 140 -30.48 -37.88 -10.03
C ARG B 140 -30.79 -37.88 -8.53
N ALA B 141 -30.58 -39.01 -7.86
CA ALA B 141 -30.77 -39.11 -6.41
C ALA B 141 -29.64 -38.41 -5.65
N GLU B 142 -28.40 -38.71 -6.01
CA GLU B 142 -27.23 -38.09 -5.35
C GLU B 142 -27.23 -36.58 -5.58
N ARG B 143 -27.74 -36.15 -6.74
CA ARG B 143 -27.89 -34.73 -7.03
C ARG B 143 -28.84 -34.05 -6.06
N ILE B 144 -29.93 -34.73 -5.72
CA ILE B 144 -30.86 -34.24 -4.72
C ILE B 144 -30.24 -34.32 -3.33
N ARG B 145 -29.44 -35.34 -3.09
CA ARG B 145 -28.70 -35.50 -1.82
C ARG B 145 -27.91 -34.25 -1.46
N GLU B 146 -27.05 -33.80 -2.37
CA GLU B 146 -26.17 -32.66 -2.08
C GLU B 146 -26.90 -31.32 -2.15
N GLY B 147 -27.95 -31.23 -2.96
CA GLY B 147 -28.84 -30.06 -2.92
C GLY B 147 -29.54 -29.98 -1.59
N LEU B 148 -30.03 -31.13 -1.13
CA LEU B 148 -30.63 -31.26 0.19
C LEU B 148 -29.59 -30.96 1.27
N ALA B 149 -28.45 -31.64 1.19
CA ALA B 149 -27.37 -31.49 2.17
C ALA B 149 -26.78 -30.07 2.18
N LEU B 150 -26.47 -29.55 1.00
CA LEU B 150 -25.95 -28.17 0.88
C LEU B 150 -27.11 -27.18 0.78
N ALA B 151 -27.96 -27.23 1.80
CA ALA B 151 -29.11 -26.35 1.96
C ALA B 151 -29.30 -26.05 3.46
N GLN B 152 -29.01 -27.03 4.31
CA GLN B 152 -28.91 -26.83 5.76
C GLN B 152 -27.85 -25.78 6.05
N ALA B 153 -26.66 -25.98 5.49
CA ALA B 153 -25.57 -25.00 5.54
C ALA B 153 -25.84 -23.86 4.55
N ALA B 154 -26.30 -24.22 3.34
CA ALA B 154 -26.67 -23.24 2.33
C ALA B 154 -28.07 -22.70 2.60
N GLY B 155 -28.23 -22.07 3.76
CA GLY B 155 -29.51 -21.52 4.20
C GLY B 155 -29.41 -20.03 4.47
N LYS B 156 -28.92 -19.68 5.66
CA LYS B 156 -28.98 -18.31 6.16
C LYS B 156 -28.12 -17.34 5.34
N ARG B 157 -28.69 -16.18 5.02
CA ARG B 157 -27.99 -15.16 4.24
C ARG B 157 -27.00 -14.42 5.13
N ARG B 158 -25.84 -14.08 4.58
CA ARG B 158 -24.71 -13.52 5.33
C ARG B 158 -24.60 -12.01 5.13
N PRO B 159 -24.31 -11.26 6.21
CA PRO B 159 -23.98 -9.83 6.07
C PRO B 159 -22.76 -9.59 5.19
N LEU B 160 -22.85 -8.63 4.28
CA LEU B 160 -21.77 -8.31 3.36
C LEU B 160 -20.42 -8.14 4.07
N GLY B 161 -20.40 -7.29 5.09
CA GLY B 161 -19.18 -7.00 5.84
C GLY B 161 -18.65 -8.16 6.66
N ALA B 162 -19.50 -9.16 6.91
CA ALA B 162 -19.07 -10.38 7.58
C ALA B 162 -18.24 -11.29 6.66
N VAL B 163 -18.30 -11.07 5.35
CA VAL B 163 -17.58 -11.93 4.39
C VAL B 163 -16.74 -11.21 3.33
N LEU B 164 -16.76 -9.88 3.32
CA LEU B 164 -16.13 -9.13 2.24
C LEU B 164 -14.61 -9.31 2.20
N SER B 165 -13.97 -9.31 3.38
CA SER B 165 -12.52 -9.50 3.46
C SER B 165 -12.13 -10.93 3.09
N LEU B 166 -12.92 -11.89 3.54
CA LEU B 166 -12.77 -13.29 3.14
C LEU B 166 -12.94 -13.43 1.63
N ALA B 167 -13.98 -12.79 1.09
CA ALA B 167 -14.21 -12.74 -0.36
C ALA B 167 -13.00 -12.19 -1.12
N ARG B 168 -12.34 -11.19 -0.55
CA ARG B 168 -11.20 -10.55 -1.22
C ARG B 168 -9.95 -11.42 -1.21
N SER B 169 -9.71 -12.13 -0.12
CA SER B 169 -8.64 -13.14 -0.09
C SER B 169 -8.90 -14.19 -1.16
N LEU B 170 -10.16 -14.59 -1.30
CA LEU B 170 -10.55 -15.60 -2.28
C LEU B 170 -10.30 -15.09 -3.70
N LEU B 171 -10.57 -13.81 -3.94
CA LEU B 171 -10.31 -13.17 -5.23
C LEU B 171 -8.83 -13.23 -5.60
N GLU B 172 -7.96 -12.93 -4.64
CA GLU B 172 -6.51 -13.04 -4.85
C GLU B 172 -6.17 -14.43 -5.36
N ALA B 173 -6.64 -15.46 -4.64
CA ALA B 173 -6.40 -16.86 -5.03
C ALA B 173 -6.87 -17.18 -6.45
N ILE B 174 -8.08 -16.74 -6.79
CA ILE B 174 -8.65 -16.94 -8.13
C ILE B 174 -7.78 -16.30 -9.21
N ARG B 175 -7.32 -15.08 -8.96
CA ARG B 175 -6.41 -14.38 -9.91
C ARG B 175 -5.06 -15.08 -10.00
N ALA B 176 -4.69 -15.82 -8.96
CA ALA B 176 -3.45 -16.59 -8.94
C ALA B 176 -3.54 -17.89 -9.77
N LEU B 177 -4.76 -18.36 -10.02
CA LEU B 177 -4.98 -19.64 -10.70
C LEU B 177 -4.43 -19.67 -12.13
N PRO B 178 -3.83 -20.81 -12.54
CA PRO B 178 -3.36 -20.96 -13.92
C PRO B 178 -4.46 -20.75 -14.96
N GLY B 179 -4.19 -19.90 -15.94
CA GLY B 179 -5.13 -19.62 -17.02
C GLY B 179 -6.27 -18.71 -16.62
N VAL B 180 -6.08 -17.96 -15.54
CA VAL B 180 -7.01 -16.90 -15.14
C VAL B 180 -6.38 -15.57 -15.54
N GLU B 181 -6.92 -14.96 -16.58
CA GLU B 181 -6.37 -13.71 -17.12
C GLU B 181 -6.82 -12.50 -16.28
N ARG B 182 -8.11 -12.45 -15.96
CA ARG B 182 -8.68 -11.40 -15.11
C ARG B 182 -9.80 -12.01 -14.27
N ALA B 183 -10.02 -11.50 -13.07
CA ALA B 183 -11.13 -11.93 -12.21
C ALA B 183 -11.76 -10.76 -11.47
N GLU B 184 -13.04 -10.87 -11.16
CA GLU B 184 -13.71 -9.86 -10.34
C GLU B 184 -14.79 -10.43 -9.46
N LEU B 185 -14.89 -9.88 -8.24
CA LEU B 185 -16.00 -10.15 -7.35
C LEU B 185 -17.25 -9.42 -7.82
N CYS B 186 -18.23 -10.16 -8.32
CA CYS B 186 -19.49 -9.59 -8.80
C CYS B 186 -20.66 -9.95 -7.89
N GLY B 187 -21.86 -10.09 -8.47
CA GLY B 187 -23.06 -10.41 -7.70
C GLY B 187 -23.54 -9.27 -6.81
N SER B 188 -24.28 -9.63 -5.77
CA SER B 188 -24.79 -8.67 -4.80
C SER B 188 -23.65 -7.99 -4.03
N ALA B 189 -22.53 -8.69 -3.87
CA ALA B 189 -21.35 -8.12 -3.22
C ALA B 189 -20.93 -6.82 -3.93
N ARG B 190 -20.85 -6.86 -5.25
CA ARG B 190 -20.44 -5.69 -6.03
C ARG B 190 -21.48 -4.57 -5.97
N ARG B 191 -22.75 -4.93 -5.78
CA ARG B 191 -23.84 -3.95 -5.62
C ARG B 191 -23.96 -3.41 -4.19
N TYR B 192 -23.07 -3.84 -3.31
CA TYR B 192 -23.06 -3.45 -1.90
C TYR B 192 -24.39 -3.72 -1.18
N LYS B 193 -25.06 -4.80 -1.57
CA LYS B 193 -26.28 -5.23 -0.89
C LYS B 193 -25.93 -5.59 0.55
N ASP B 194 -26.81 -5.28 1.50
CA ASP B 194 -26.50 -5.46 2.92
C ASP B 194 -26.27 -6.92 3.34
N THR B 195 -26.95 -7.86 2.70
CA THR B 195 -26.64 -9.27 2.85
C THR B 195 -26.46 -9.94 1.48
N VAL B 196 -25.66 -11.00 1.48
CA VAL B 196 -25.37 -11.76 0.27
C VAL B 196 -25.83 -13.20 0.46
N GLY B 197 -26.43 -13.77 -0.59
CA GLY B 197 -26.82 -15.17 -0.60
C GLY B 197 -25.64 -16.08 -0.93
N ASP B 198 -24.66 -15.53 -1.65
CA ASP B 198 -23.46 -16.28 -2.02
C ASP B 198 -22.39 -15.32 -2.52
N LEU B 199 -21.26 -15.87 -2.97
CA LEU B 199 -20.21 -15.08 -3.60
C LEU B 199 -20.08 -15.49 -5.07
N ASP B 200 -20.20 -14.51 -5.97
CA ASP B 200 -20.18 -14.74 -7.41
C ASP B 200 -18.91 -14.16 -8.01
N PHE B 201 -18.16 -14.98 -8.74
CA PHE B 201 -16.88 -14.55 -9.31
C PHE B 201 -16.85 -14.72 -10.83
N LEU B 202 -16.42 -13.68 -11.52
CA LEU B 202 -16.23 -13.73 -12.97
C LEU B 202 -14.74 -13.90 -13.26
N VAL B 203 -14.43 -14.58 -14.35
CA VAL B 203 -13.05 -14.80 -14.76
C VAL B 203 -12.91 -14.73 -16.28
N ALA B 204 -11.97 -13.90 -16.73
CA ALA B 204 -11.60 -13.87 -18.13
C ALA B 204 -10.59 -15.01 -18.37
N SER B 205 -10.92 -15.92 -19.28
CA SER B 205 -10.05 -17.05 -19.58
C SER B 205 -10.42 -17.75 -20.89
N ARG B 206 -9.38 -18.16 -21.62
CA ARG B 206 -9.55 -18.99 -22.82
C ARG B 206 -9.30 -20.46 -22.49
N GLU B 207 -9.06 -20.75 -21.22
CA GLU B 207 -8.84 -22.11 -20.72
C GLU B 207 -9.77 -22.36 -19.55
N GLY B 208 -11.07 -22.23 -19.81
CA GLY B 208 -12.11 -22.28 -18.78
C GLY B 208 -12.08 -23.54 -17.93
N GLU B 209 -11.88 -24.68 -18.57
CA GLU B 209 -11.81 -25.96 -17.86
C GLU B 209 -10.67 -25.98 -16.83
N ARG B 210 -9.52 -25.43 -17.23
CA ARG B 210 -8.37 -25.31 -16.32
C ARG B 210 -8.67 -24.39 -15.13
N ALA B 211 -9.30 -23.24 -15.40
CA ALA B 211 -9.69 -22.31 -14.36
C ALA B 211 -10.62 -22.97 -13.36
N VAL B 212 -11.67 -23.60 -13.88
CA VAL B 212 -12.67 -24.28 -13.06
C VAL B 212 -12.04 -25.38 -12.21
N GLU B 213 -11.24 -26.23 -12.83
CA GLU B 213 -10.61 -27.34 -12.12
C GLU B 213 -9.60 -26.83 -11.08
N GLY B 214 -8.91 -25.73 -11.40
CA GLY B 214 -8.01 -25.08 -10.45
C GLY B 214 -8.77 -24.48 -9.28
N PHE B 215 -9.96 -23.96 -9.59
CA PHE B 215 -10.82 -23.30 -8.60
C PHE B 215 -11.42 -24.29 -7.58
N VAL B 216 -11.92 -25.44 -8.05
CA VAL B 216 -12.54 -26.43 -7.17
C VAL B 216 -11.54 -27.20 -6.30
N ARG B 217 -10.27 -27.18 -6.70
CA ARG B 217 -9.20 -27.85 -5.93
C ARG B 217 -8.56 -26.92 -4.89
N LEU B 218 -9.15 -25.74 -4.69
CA LEU B 218 -8.66 -24.78 -3.69
C LEU B 218 -8.78 -25.34 -2.26
N PRO B 219 -7.79 -25.01 -1.39
CA PRO B 219 -7.85 -25.43 0.01
C PRO B 219 -8.98 -24.77 0.82
N GLN B 220 -9.48 -23.65 0.32
CA GLN B 220 -10.61 -22.95 0.93
C GLN B 220 -11.92 -23.72 0.73
N VAL B 221 -12.00 -24.54 -0.31
CA VAL B 221 -13.23 -25.26 -0.64
C VAL B 221 -13.48 -26.42 0.33
N LYS B 222 -14.64 -26.41 0.98
CA LYS B 222 -15.02 -27.48 1.92
C LYS B 222 -15.68 -28.64 1.18
N GLU B 223 -16.55 -28.32 0.22
CA GLU B 223 -17.10 -29.34 -0.68
C GLU B 223 -17.56 -28.72 -2.00
N VAL B 224 -17.66 -29.55 -3.04
CA VAL B 224 -18.00 -29.09 -4.38
C VAL B 224 -19.39 -29.56 -4.77
N TYR B 225 -20.29 -28.61 -5.03
CA TYR B 225 -21.66 -28.93 -5.41
C TYR B 225 -21.75 -29.26 -6.90
N ALA B 226 -21.26 -28.35 -7.74
CA ALA B 226 -21.32 -28.54 -9.19
C ALA B 226 -20.02 -28.11 -9.86
N LYS B 227 -19.73 -28.73 -11.00
CA LYS B 227 -18.49 -28.50 -11.72
C LYS B 227 -18.73 -28.73 -13.21
N GLY B 228 -18.68 -27.66 -13.99
CA GLY B 228 -18.91 -27.74 -15.43
C GLY B 228 -17.67 -27.38 -16.21
N LYS B 229 -17.86 -26.66 -17.31
CA LYS B 229 -16.79 -26.28 -18.21
C LYS B 229 -16.50 -24.78 -18.10
N GLU B 230 -17.57 -24.00 -17.98
CA GLU B 230 -17.49 -22.56 -17.73
C GLU B 230 -18.12 -22.17 -16.37
N ARG B 231 -18.73 -23.13 -15.70
CA ARG B 231 -19.56 -22.90 -14.52
C ARG B 231 -19.14 -23.83 -13.39
N ALA B 232 -19.10 -23.32 -12.16
CA ALA B 232 -18.86 -24.14 -10.97
C ALA B 232 -19.41 -23.47 -9.71
N THR B 233 -19.93 -24.28 -8.80
CA THR B 233 -20.38 -23.79 -7.49
C THR B 233 -19.81 -24.66 -6.37
N VAL B 234 -19.31 -24.03 -5.32
CA VAL B 234 -18.65 -24.72 -4.19
C VAL B 234 -19.17 -24.20 -2.86
N PHE B 235 -18.65 -24.76 -1.76
CA PHE B 235 -18.99 -24.29 -0.40
C PHE B 235 -17.75 -24.25 0.48
N LEU B 236 -17.67 -23.24 1.36
CA LEU B 236 -16.48 -23.01 2.20
C LEU B 236 -16.71 -23.45 3.66
N LYS B 237 -15.69 -23.25 4.50
CA LYS B 237 -15.76 -23.58 5.93
C LYS B 237 -17.14 -23.32 6.51
N ASN B 238 -17.62 -22.09 6.33
CA ASN B 238 -18.80 -21.60 7.04
C ASN B 238 -20.14 -21.92 6.35
N GLY B 239 -20.09 -22.66 5.26
CA GLY B 239 -21.30 -23.00 4.50
C GLY B 239 -21.65 -21.95 3.45
N LEU B 240 -20.72 -21.01 3.24
CA LEU B 240 -20.91 -19.95 2.27
C LEU B 240 -20.75 -20.54 0.87
N GLN B 241 -21.69 -20.23 -0.02
CA GLN B 241 -21.62 -20.69 -1.40
C GLN B 241 -20.74 -19.75 -2.19
N VAL B 242 -19.88 -20.29 -3.04
CA VAL B 242 -19.10 -19.50 -3.98
C VAL B 242 -19.34 -19.99 -5.41
N ASP B 243 -19.79 -19.09 -6.28
CA ASP B 243 -20.00 -19.40 -7.69
C ASP B 243 -18.91 -18.78 -8.53
N LEU B 244 -18.35 -19.57 -9.44
CA LEU B 244 -17.45 -19.04 -10.47
C LEU B 244 -18.14 -19.14 -11.82
N ARG B 245 -17.91 -18.15 -12.66
CA ARG B 245 -18.35 -18.21 -14.05
C ARG B 245 -17.25 -17.66 -14.94
N VAL B 246 -16.86 -18.45 -15.93
CA VAL B 246 -15.81 -18.05 -16.86
C VAL B 246 -16.45 -17.58 -18.16
N VAL B 247 -15.91 -16.51 -18.74
CA VAL B 247 -16.28 -16.08 -20.08
C VAL B 247 -15.03 -15.68 -20.85
N PRO B 248 -15.09 -15.73 -22.19
CA PRO B 248 -13.97 -15.29 -23.03
C PRO B 248 -13.58 -13.84 -22.75
N PRO B 249 -12.28 -13.50 -22.82
CA PRO B 249 -11.78 -12.15 -22.51
C PRO B 249 -12.48 -11.04 -23.29
N GLU B 250 -12.70 -11.30 -24.57
CA GLU B 250 -13.55 -10.50 -25.47
C GLU B 250 -14.92 -10.12 -24.89
N SER B 251 -15.45 -10.97 -24.02
CA SER B 251 -16.78 -10.77 -23.45
C SER B 251 -16.75 -10.36 -21.97
N TYR B 252 -15.58 -9.97 -21.47
CA TYR B 252 -15.44 -9.68 -20.04
C TYR B 252 -16.39 -8.56 -19.58
N GLY B 253 -16.58 -7.57 -20.44
CA GLY B 253 -17.53 -6.49 -20.19
C GLY B 253 -18.95 -6.98 -19.96
N ALA B 254 -19.48 -7.73 -20.92
CA ALA B 254 -20.83 -8.31 -20.80
C ALA B 254 -20.91 -9.33 -19.67
N GLY B 255 -19.79 -9.96 -19.35
CA GLY B 255 -19.70 -10.89 -18.23
C GLY B 255 -19.87 -10.21 -16.89
N LEU B 256 -19.21 -9.08 -16.71
CA LEU B 256 -19.35 -8.28 -15.49
C LEU B 256 -20.79 -7.77 -15.36
N GLN B 257 -21.42 -7.42 -16.48
CA GLN B 257 -22.81 -7.02 -16.44
C GLN B 257 -23.68 -8.18 -16.00
N TYR B 258 -23.58 -9.30 -16.72
CA TYR B 258 -24.40 -10.48 -16.45
C TYR B 258 -24.33 -10.90 -14.98
N LEU B 259 -23.10 -11.10 -14.49
CA LEU B 259 -22.89 -11.70 -13.17
C LEU B 259 -23.08 -10.69 -12.03
N THR B 260 -23.04 -9.40 -12.33
CA THR B 260 -23.29 -8.38 -11.32
C THR B 260 -24.79 -8.25 -11.10
N GLY B 261 -25.54 -8.20 -12.20
CA GLY B 261 -26.99 -8.04 -12.10
C GLY B 261 -27.35 -6.67 -11.56
N SER B 262 -28.40 -6.57 -10.73
CA SER B 262 -29.23 -7.70 -10.28
C SER B 262 -29.98 -8.40 -11.40
N LYS B 263 -30.63 -9.50 -11.06
CA LYS B 263 -31.51 -10.20 -12.00
C LYS B 263 -32.54 -9.25 -12.61
N ALA B 264 -33.32 -8.58 -11.75
CA ALA B 264 -34.39 -7.68 -12.22
C ALA B 264 -33.85 -6.55 -13.11
N HIS B 265 -32.66 -6.05 -12.80
CA HIS B 265 -31.97 -5.05 -13.62
C HIS B 265 -31.59 -5.65 -14.97
N SER B 266 -30.93 -6.81 -14.93
CA SER B 266 -30.46 -7.51 -16.12
C SER B 266 -31.60 -7.80 -17.09
N ILE B 267 -32.73 -8.22 -16.55
CA ILE B 267 -33.92 -8.48 -17.37
C ILE B 267 -34.45 -7.18 -17.98
N ARG B 268 -34.52 -6.12 -17.18
CA ARG B 268 -34.95 -4.81 -17.65
C ARG B 268 -34.08 -4.38 -18.85
N LEU B 269 -32.77 -4.58 -18.73
CA LEU B 269 -31.82 -4.28 -19.82
C LEU B 269 -31.98 -5.17 -21.05
N ARG B 270 -32.18 -6.46 -20.83
CA ARG B 270 -32.39 -7.39 -21.93
C ARG B 270 -33.68 -7.05 -22.68
N ALA B 271 -34.73 -6.70 -21.95
CA ALA B 271 -35.99 -6.27 -22.55
C ALA B 271 -35.83 -4.97 -23.33
N LEU B 272 -34.95 -4.09 -22.84
CA LEU B 272 -34.63 -2.85 -23.56
C LEU B 272 -33.95 -3.19 -24.88
N ALA B 273 -32.91 -4.01 -24.84
CA ALA B 273 -32.25 -4.52 -26.04
C ALA B 273 -33.25 -5.09 -27.03
N GLN B 274 -34.17 -5.92 -26.54
CA GLN B 274 -35.26 -6.44 -27.38
C GLN B 274 -36.03 -5.33 -28.08
N GLU B 275 -36.29 -4.24 -27.35
CA GLU B 275 -37.06 -3.13 -27.89
C GLU B 275 -36.31 -2.39 -29.01
N LYS B 276 -34.98 -2.41 -28.95
CA LYS B 276 -34.15 -1.83 -29.99
C LYS B 276 -33.77 -2.85 -31.07
N GLY B 277 -34.38 -4.02 -31.04
CA GLY B 277 -34.12 -5.08 -32.01
C GLY B 277 -32.84 -5.88 -31.73
N LEU B 278 -32.14 -5.55 -30.65
CA LEU B 278 -30.86 -6.17 -30.32
C LEU B 278 -31.04 -7.34 -29.36
N LYS B 279 -29.95 -8.07 -29.13
CA LYS B 279 -29.91 -9.09 -28.09
C LYS B 279 -28.76 -8.80 -27.11
N LEU B 280 -29.03 -8.99 -25.81
CA LEU B 280 -28.04 -8.78 -24.75
C LEU B 280 -27.83 -10.09 -23.98
N SER B 281 -26.56 -10.49 -23.84
CA SER B 281 -26.20 -11.69 -23.09
C SER B 281 -24.83 -11.50 -22.40
N GLU B 282 -24.33 -12.56 -21.77
CA GLU B 282 -22.99 -12.52 -21.14
C GLU B 282 -21.86 -12.32 -22.16
N TYR B 283 -22.14 -12.57 -23.44
CA TYR B 283 -21.12 -12.50 -24.46
C TYR B 283 -21.06 -11.14 -25.16
N GLY B 284 -22.11 -10.34 -24.99
CA GLY B 284 -22.15 -8.98 -25.52
C GLY B 284 -23.55 -8.55 -25.95
N VAL B 285 -23.62 -7.40 -26.62
CA VAL B 285 -24.85 -6.95 -27.25
C VAL B 285 -24.72 -7.20 -28.75
N PHE B 286 -25.78 -7.71 -29.37
CA PHE B 286 -25.76 -8.10 -30.78
C PHE B 286 -26.88 -7.45 -31.56
N ARG B 287 -26.57 -7.01 -32.78
CA ARG B 287 -27.58 -6.64 -33.76
C ARG B 287 -27.57 -7.75 -34.81
N GLY B 288 -28.52 -8.67 -34.70
CA GLY B 288 -28.45 -9.90 -35.47
C GLY B 288 -27.18 -10.64 -35.06
N GLU B 289 -26.35 -10.99 -36.04
CA GLU B 289 -25.09 -11.70 -35.76
C GLU B 289 -23.90 -10.75 -35.59
N LYS B 290 -24.13 -9.46 -35.80
CA LYS B 290 -23.07 -8.45 -35.62
C LYS B 290 -22.96 -8.10 -34.15
N ARG B 291 -21.88 -8.54 -33.51
CA ARG B 291 -21.61 -8.20 -32.12
C ARG B 291 -21.08 -6.77 -32.07
N ILE B 292 -21.74 -5.91 -31.30
CA ILE B 292 -21.38 -4.48 -31.24
C ILE B 292 -20.82 -4.02 -29.88
N ALA B 293 -20.78 -4.91 -28.89
CA ALA B 293 -20.23 -4.56 -27.56
C ALA B 293 -19.91 -5.83 -26.78
N GLY B 294 -19.14 -5.68 -25.70
CA GLY B 294 -18.85 -6.82 -24.83
C GLY B 294 -17.50 -6.84 -24.12
N GLU B 295 -16.53 -6.12 -24.66
CA GLU B 295 -15.17 -6.05 -24.08
C GLU B 295 -15.15 -5.29 -22.76
N THR B 296 -15.97 -4.26 -22.66
CA THR B 296 -16.09 -3.45 -21.44
C THR B 296 -17.56 -3.17 -21.13
N GLU B 297 -17.86 -2.92 -19.86
CA GLU B 297 -19.23 -2.62 -19.42
C GLU B 297 -19.76 -1.32 -20.00
N GLU B 298 -18.93 -0.29 -19.99
CA GLU B 298 -19.28 1.02 -20.54
C GLU B 298 -19.84 0.90 -21.98
N GLU B 299 -19.23 0.04 -22.77
CA GLU B 299 -19.65 -0.18 -24.15
C GLU B 299 -20.97 -0.95 -24.23
N VAL B 300 -21.13 -1.93 -23.34
CA VAL B 300 -22.37 -2.71 -23.31
C VAL B 300 -23.56 -1.80 -23.05
N TYR B 301 -23.41 -0.92 -22.07
CA TYR B 301 -24.44 0.08 -21.77
C TYR B 301 -24.56 1.08 -22.91
N ALA B 302 -23.43 1.47 -23.49
CA ALA B 302 -23.43 2.37 -24.65
C ALA B 302 -24.23 1.78 -25.80
N ALA B 303 -24.04 0.48 -26.07
CA ALA B 303 -24.72 -0.20 -27.18
C ALA B 303 -26.23 -0.29 -26.97
N LEU B 304 -26.69 -0.05 -25.75
CA LEU B 304 -28.12 0.08 -25.44
C LEU B 304 -28.52 1.55 -25.31
N GLY B 305 -27.65 2.44 -25.79
CA GLY B 305 -27.89 3.88 -25.71
C GLY B 305 -27.97 4.43 -24.29
N LEU B 306 -27.26 3.80 -23.36
CA LEU B 306 -27.28 4.21 -21.96
C LEU B 306 -25.88 4.61 -21.48
N PRO B 307 -25.82 5.51 -20.48
CA PRO B 307 -24.54 5.72 -19.80
C PRO B 307 -24.26 4.55 -18.88
N TRP B 308 -23.00 4.39 -18.49
CA TRP B 308 -22.63 3.33 -17.56
C TRP B 308 -23.32 3.53 -16.22
N ILE B 309 -23.94 2.47 -15.71
CA ILE B 309 -24.66 2.56 -14.44
C ILE B 309 -23.84 1.93 -13.31
N PRO B 310 -23.66 2.68 -12.20
CA PRO B 310 -22.95 2.10 -11.06
C PRO B 310 -23.67 0.85 -10.53
N PRO B 311 -22.90 -0.20 -10.20
CA PRO B 311 -23.47 -1.44 -9.64
C PRO B 311 -24.47 -1.29 -8.48
N PRO B 312 -24.25 -0.32 -7.56
CA PRO B 312 -25.23 -0.14 -6.48
C PRO B 312 -26.62 0.32 -6.93
N LEU B 313 -26.72 0.90 -8.11
CA LEU B 313 -28.02 1.34 -8.64
C LEU B 313 -28.79 0.20 -9.31
N ARG B 314 -28.09 -0.89 -9.64
CA ARG B 314 -28.64 -1.94 -10.49
C ARG B 314 -29.59 -2.85 -9.71
N GLU B 315 -30.76 -2.31 -9.36
CA GLU B 315 -31.79 -3.04 -8.64
C GLU B 315 -33.17 -2.90 -9.31
N ASP B 316 -33.19 -2.44 -10.55
CA ASP B 316 -34.44 -2.12 -11.25
C ASP B 316 -35.36 -1.34 -10.32
N GLN B 317 -34.82 -0.25 -9.79
CA GLN B 317 -35.53 0.57 -8.82
C GLN B 317 -35.58 2.02 -9.32
N GLY B 318 -35.74 2.19 -10.63
CA GLY B 318 -35.86 3.51 -11.27
C GLY B 318 -34.66 3.91 -12.11
N GLU B 319 -33.53 3.25 -11.90
CA GLU B 319 -32.26 3.65 -12.50
C GLU B 319 -32.20 3.48 -14.02
N VAL B 320 -32.90 2.47 -14.55
CA VAL B 320 -32.88 2.22 -15.98
C VAL B 320 -33.57 3.36 -16.73
N GLU B 321 -34.66 3.86 -16.15
CA GLU B 321 -35.42 4.95 -16.75
C GLU B 321 -34.67 6.26 -16.56
N ALA B 322 -34.09 6.44 -15.39
CA ALA B 322 -33.27 7.62 -15.11
C ALA B 322 -32.13 7.75 -16.11
N ALA B 323 -31.45 6.63 -16.38
CA ALA B 323 -30.37 6.60 -17.35
C ALA B 323 -30.85 6.96 -18.76
N LEU B 324 -32.03 6.45 -19.14
CA LEU B 324 -32.63 6.76 -20.45
C LEU B 324 -33.04 8.22 -20.58
N GLU B 325 -33.47 8.84 -19.49
CA GLU B 325 -33.86 10.26 -19.51
C GLU B 325 -32.71 11.19 -19.08
N GLY B 326 -31.49 10.64 -19.03
CA GLY B 326 -30.29 11.43 -18.74
C GLY B 326 -30.33 12.07 -17.36
N ARG B 327 -30.76 11.29 -16.37
CA ARG B 327 -31.12 11.82 -15.06
C ARG B 327 -30.55 10.98 -13.91
N LEU B 328 -29.41 10.33 -14.15
CA LEU B 328 -28.74 9.55 -13.11
C LEU B 328 -28.22 10.49 -12.03
N PRO B 329 -28.41 10.12 -10.76
CA PRO B 329 -28.01 10.99 -9.67
C PRO B 329 -26.51 10.97 -9.47
N LYS B 330 -25.96 12.07 -8.93
CA LYS B 330 -24.56 12.07 -8.52
C LYS B 330 -24.45 11.29 -7.23
N LEU B 331 -23.43 10.44 -7.13
CA LEU B 331 -23.29 9.53 -6.02
C LEU B 331 -22.07 9.88 -5.17
N LEU B 332 -22.23 9.72 -3.85
CA LEU B 332 -21.13 9.91 -2.91
C LEU B 332 -20.02 8.91 -3.22
N GLU B 333 -18.77 9.39 -3.20
CA GLU B 333 -17.59 8.57 -3.44
C GLU B 333 -16.78 8.45 -2.15
N LEU B 334 -16.14 7.30 -1.95
CA LEU B 334 -15.40 7.04 -0.72
C LEU B 334 -14.32 8.09 -0.38
N PRO B 335 -13.58 8.56 -1.40
CA PRO B 335 -12.55 9.57 -1.11
C PRO B 335 -13.08 10.94 -0.66
N GLN B 336 -14.36 11.20 -0.88
CA GLN B 336 -15.01 12.44 -0.44
C GLN B 336 -15.35 12.39 1.05
N VAL B 337 -15.34 11.19 1.64
CA VAL B 337 -15.63 11.02 3.06
C VAL B 337 -14.41 11.43 3.88
N LYS B 338 -14.57 12.52 4.65
CA LYS B 338 -13.46 13.13 5.38
C LYS B 338 -13.42 12.74 6.86
N GLY B 339 -14.29 11.83 7.27
CA GLY B 339 -14.34 11.41 8.67
C GLY B 339 -15.36 10.32 8.95
N ASP B 340 -15.36 9.85 10.19
CA ASP B 340 -16.28 8.82 10.68
C ASP B 340 -16.98 9.36 11.92
N LEU B 341 -18.31 9.40 11.90
CA LEU B 341 -19.09 10.12 12.91
C LEU B 341 -19.75 9.21 13.97
N GLN B 342 -19.25 7.98 14.11
CA GLN B 342 -19.57 7.17 15.28
C GLN B 342 -18.51 6.08 15.48
N VAL B 343 -17.56 6.35 16.37
CA VAL B 343 -16.60 5.34 16.80
C VAL B 343 -16.61 5.33 18.31
N HIS B 344 -16.55 4.13 18.89
CA HIS B 344 -16.53 4.00 20.34
C HIS B 344 -15.09 3.87 20.82
N SER B 345 -14.89 4.01 22.13
CA SER B 345 -13.56 3.95 22.73
C SER B 345 -13.61 3.29 24.10
N THR B 346 -12.46 3.20 24.75
CA THR B 346 -12.36 2.58 26.07
C THR B 346 -12.98 3.42 27.20
N TYR B 347 -13.51 4.60 26.87
CA TYR B 347 -14.38 5.33 27.80
C TYR B 347 -15.68 4.55 28.08
N SER B 348 -16.17 3.81 27.09
CA SER B 348 -17.30 2.90 27.29
C SER B 348 -16.95 1.50 26.81
N ASP B 349 -17.46 1.09 25.65
CA ASP B 349 -17.38 -0.32 25.20
C ASP B 349 -16.42 -0.56 24.02
N GLY B 350 -15.64 0.45 23.66
CA GLY B 350 -14.64 0.31 22.59
C GLY B 350 -13.40 -0.41 23.09
N GLN B 351 -12.56 -0.85 22.16
CA GLN B 351 -11.30 -1.54 22.50
C GLN B 351 -10.09 -0.61 22.38
N ASN B 352 -10.32 0.69 22.16
CA ASN B 352 -9.22 1.60 21.84
C ASN B 352 -9.20 2.90 22.64
N THR B 353 -8.00 3.45 22.77
CA THR B 353 -7.78 4.74 23.40
C THR B 353 -7.89 5.85 22.36
N LEU B 354 -7.81 7.10 22.81
CA LEU B 354 -7.86 8.26 21.92
C LEU B 354 -6.69 8.25 20.92
N GLU B 355 -5.48 8.01 21.42
CA GLU B 355 -4.28 7.97 20.57
C GLU B 355 -4.45 6.94 19.45
N GLU B 356 -4.91 5.74 19.82
CA GLU B 356 -5.13 4.65 18.86
C GLU B 356 -6.13 5.03 17.77
N LEU B 357 -7.26 5.62 18.16
CA LEU B 357 -8.26 6.08 17.20
C LEU B 357 -7.69 7.17 16.31
N TRP B 358 -7.08 8.17 16.95
CA TRP B 358 -6.46 9.31 16.25
C TRP B 358 -5.44 8.84 15.22
N GLU B 359 -4.67 7.81 15.57
CA GLU B 359 -3.61 7.32 14.72
C GLU B 359 -4.18 6.61 13.50
N ALA B 360 -5.20 5.78 13.71
CA ALA B 360 -5.88 5.10 12.62
C ALA B 360 -6.54 6.09 11.67
N ALA B 361 -7.21 7.09 12.24
CA ALA B 361 -7.84 8.16 11.46
C ALA B 361 -6.84 8.89 10.57
N LYS B 362 -5.62 9.03 11.08
CA LYS B 362 -4.53 9.67 10.34
C LYS B 362 -4.12 8.85 9.12
N THR B 363 -4.03 7.53 9.31
CA THR B 363 -3.59 6.62 8.24
C THR B 363 -4.68 6.37 7.19
N MET B 364 -5.95 6.48 7.58
CA MET B 364 -7.06 6.41 6.62
C MET B 364 -7.25 7.71 5.85
N GLY B 365 -6.56 8.78 6.24
CA GLY B 365 -6.62 10.06 5.55
C GLY B 365 -7.78 10.95 5.95
N TYR B 366 -8.36 10.72 7.13
CA TYR B 366 -9.48 11.53 7.61
C TYR B 366 -9.01 12.87 8.17
N ARG B 367 -9.90 13.86 8.12
CA ARG B 367 -9.65 15.17 8.73
C ARG B 367 -10.17 15.22 10.17
N TYR B 368 -11.13 14.36 10.50
CA TYR B 368 -11.68 14.30 11.85
C TYR B 368 -12.27 12.93 12.15
N LEU B 369 -12.66 12.72 13.41
CA LEU B 369 -13.25 11.48 13.86
C LEU B 369 -14.01 11.72 15.15
N ALA B 370 -15.25 11.23 15.23
CA ALA B 370 -16.11 11.49 16.39
C ALA B 370 -16.07 10.33 17.36
N VAL B 371 -15.64 10.60 18.59
CA VAL B 371 -15.63 9.61 19.64
C VAL B 371 -16.94 9.73 20.42
N THR B 372 -17.86 8.82 20.13
CA THR B 372 -19.22 8.88 20.65
C THR B 372 -19.52 7.65 21.50
N ASP B 373 -19.19 7.74 22.78
CA ASP B 373 -19.31 6.60 23.68
C ASP B 373 -20.72 6.46 24.26
N HIS B 374 -20.99 5.26 24.79
CA HIS B 374 -22.33 4.87 25.19
C HIS B 374 -22.70 5.36 26.60
N SER B 375 -24.01 5.52 26.82
CA SER B 375 -24.56 6.06 28.07
C SER B 375 -24.75 4.95 29.12
N PRO B 376 -25.02 5.32 30.38
CA PRO B 376 -25.17 4.31 31.43
C PRO B 376 -26.35 3.34 31.28
N ALA B 377 -27.46 3.81 30.71
CA ALA B 377 -28.72 3.05 30.66
C ALA B 377 -28.56 1.53 30.53
N VAL B 378 -27.66 1.11 29.62
CA VAL B 378 -27.47 -0.31 29.32
C VAL B 378 -26.48 -1.01 30.27
N ARG B 379 -25.29 -0.43 30.43
CA ARG B 379 -24.15 -1.09 31.08
C ARG B 379 -24.10 -0.88 32.60
N VAL B 380 -23.82 0.36 33.04
CA VAL B 380 -23.70 0.76 34.46
C VAL B 380 -22.84 -0.14 35.36
N ALA B 381 -21.62 0.31 35.68
CA ALA B 381 -20.75 -0.35 36.67
C ALA B 381 -20.43 0.60 37.86
N GLY B 382 -19.65 1.64 37.60
CA GLY B 382 -19.32 2.66 38.61
C GLY B 382 -19.80 4.03 38.16
N GLY B 383 -19.29 4.48 37.02
CA GLY B 383 -19.82 5.65 36.30
C GLY B 383 -20.80 5.19 35.23
N PRO B 384 -20.74 5.79 34.02
CA PRO B 384 -19.99 6.96 33.57
C PRO B 384 -20.91 8.19 33.62
N SER B 385 -21.24 8.60 34.84
CA SER B 385 -22.30 9.59 35.11
C SER B 385 -22.01 10.97 34.49
N PRO B 386 -22.95 11.93 34.65
CA PRO B 386 -22.71 13.29 34.16
C PRO B 386 -21.43 13.95 34.69
N GLU B 387 -20.90 13.41 35.79
CA GLU B 387 -19.65 13.90 36.37
C GLU B 387 -18.47 13.69 35.40
N GLU B 388 -18.23 12.43 35.03
CA GLU B 388 -17.13 12.09 34.13
C GLU B 388 -17.34 12.61 32.71
N ALA B 389 -18.60 12.86 32.35
CA ALA B 389 -18.96 13.32 31.01
C ALA B 389 -18.25 14.63 30.63
N LEU B 390 -18.37 15.63 31.49
CA LEU B 390 -17.70 16.92 31.25
C LEU B 390 -16.18 16.79 31.37
N LYS B 391 -15.73 15.93 32.28
CA LYS B 391 -14.30 15.63 32.44
C LYS B 391 -13.74 15.00 31.16
N ARG B 392 -14.50 14.08 30.60
CA ARG B 392 -14.16 13.39 29.34
C ARG B 392 -13.99 14.37 28.19
N VAL B 393 -14.94 15.31 28.07
CA VAL B 393 -14.87 16.34 27.03
C VAL B 393 -13.59 17.16 27.17
N GLY B 394 -13.28 17.56 28.39
CA GLY B 394 -12.04 18.29 28.69
C GLY B 394 -10.81 17.58 28.17
N GLU B 395 -10.73 16.27 28.43
CA GLU B 395 -9.62 15.44 27.96
C GLU B 395 -9.51 15.41 26.45
N ILE B 396 -10.66 15.33 25.76
CA ILE B 396 -10.70 15.32 24.29
C ILE B 396 -10.22 16.66 23.70
N ARG B 397 -10.56 17.77 24.35
CA ARG B 397 -10.09 19.09 23.92
C ARG B 397 -8.57 19.23 24.08
N ARG B 398 -8.04 18.69 25.18
CA ARG B 398 -6.58 18.67 25.40
C ARG B 398 -5.87 17.83 24.34
N PHE B 399 -6.48 16.70 23.98
CA PHE B 399 -5.91 15.82 22.96
C PHE B 399 -5.77 16.55 21.62
N ASN B 400 -6.81 17.27 21.23
CA ASN B 400 -6.78 18.08 20.00
C ASN B 400 -5.74 19.19 20.09
N GLU B 401 -5.62 19.80 21.26
CA GLU B 401 -4.66 20.89 21.51
C GLU B 401 -3.22 20.44 21.30
N THR B 402 -2.89 19.28 21.85
CA THR B 402 -1.52 18.76 21.83
C THR B 402 -1.17 18.00 20.54
N HIS B 403 -2.11 17.19 20.04
CA HIS B 403 -1.82 16.28 18.93
C HIS B 403 -1.93 16.89 17.54
N GLY B 404 -2.77 17.91 17.38
CA GLY B 404 -3.06 18.46 16.06
C GLY B 404 -3.93 17.52 15.22
N PRO B 405 -4.03 17.77 13.90
CA PRO B 405 -4.92 17.02 12.99
C PRO B 405 -4.55 15.54 12.83
N PRO B 406 -5.55 14.65 12.66
CA PRO B 406 -6.99 14.93 12.60
C PRO B 406 -7.60 15.30 13.94
N TYR B 407 -8.82 15.80 13.92
CA TYR B 407 -9.48 16.32 15.12
C TYR B 407 -10.53 15.35 15.66
N LEU B 408 -10.41 15.02 16.95
CA LEU B 408 -11.37 14.17 17.60
C LEU B 408 -12.55 15.00 18.09
N LEU B 409 -13.74 14.67 17.60
CA LEU B 409 -14.96 15.29 18.09
C LEU B 409 -15.39 14.64 19.40
N ALA B 410 -15.64 15.46 20.42
CA ALA B 410 -16.12 14.97 21.71
C ALA B 410 -17.60 14.64 21.61
N GLY B 411 -17.91 13.38 21.30
CA GLY B 411 -19.30 12.98 21.04
C GLY B 411 -19.89 12.10 22.12
N ALA B 412 -21.06 11.53 21.82
CA ALA B 412 -21.75 10.63 22.73
C ALA B 412 -22.90 9.94 22.02
N GLU B 413 -23.12 8.67 22.33
CA GLU B 413 -24.31 7.96 21.88
C GLU B 413 -25.26 7.85 23.06
N VAL B 414 -26.28 8.69 23.06
CA VAL B 414 -27.20 8.82 24.19
C VAL B 414 -28.41 7.91 24.03
N ASP B 415 -28.70 7.09 25.03
CA ASP B 415 -29.89 6.25 25.00
C ASP B 415 -31.18 7.08 24.97
N ILE B 416 -32.14 6.61 24.20
CA ILE B 416 -33.50 7.12 24.22
C ILE B 416 -34.29 6.23 25.15
N HIS B 417 -34.80 6.79 26.24
CA HIS B 417 -35.60 6.05 27.21
C HIS B 417 -36.91 5.58 26.55
N PRO B 418 -37.59 4.61 27.17
CA PRO B 418 -38.88 4.14 26.64
C PRO B 418 -39.89 5.27 26.41
N ASP B 419 -39.90 6.28 27.28
CA ASP B 419 -40.86 7.38 27.17
C ASP B 419 -40.46 8.45 26.15
N GLY B 420 -39.18 8.50 25.80
CA GLY B 420 -38.66 9.43 24.78
C GLY B 420 -37.59 10.38 25.30
N THR B 421 -37.41 10.40 26.61
CA THR B 421 -36.40 11.25 27.24
C THR B 421 -34.99 10.68 27.04
N LEU B 422 -33.98 11.55 27.05
CA LEU B 422 -32.60 11.14 26.77
C LEU B 422 -31.91 10.70 28.05
N ASP B 423 -30.87 9.89 27.91
CA ASP B 423 -30.15 9.29 29.04
C ASP B 423 -29.07 10.19 29.62
N TYR B 424 -28.99 11.42 29.13
CA TYR B 424 -28.13 12.45 29.71
C TYR B 424 -28.95 13.73 29.85
N PRO B 425 -28.70 14.51 30.92
CA PRO B 425 -29.36 15.80 31.06
C PRO B 425 -28.85 16.81 30.03
N ASP B 426 -29.64 17.85 29.77
CA ASP B 426 -29.33 18.83 28.75
C ASP B 426 -28.02 19.59 28.98
N TRP B 427 -27.61 19.76 30.24
CA TRP B 427 -26.38 20.51 30.51
C TRP B 427 -25.13 19.73 30.10
N VAL B 428 -25.20 18.40 30.15
CA VAL B 428 -24.13 17.56 29.61
C VAL B 428 -24.19 17.56 28.08
N LEU B 429 -25.38 17.49 27.52
CA LEU B 429 -25.56 17.46 26.07
C LEU B 429 -25.12 18.77 25.42
N ARG B 430 -25.25 19.87 26.16
CA ARG B 430 -24.95 21.20 25.65
C ARG B 430 -23.47 21.40 25.33
N GLU B 431 -22.60 20.70 26.06
CA GLU B 431 -21.15 20.89 25.91
C GLU B 431 -20.50 19.88 24.96
N LEU B 432 -21.20 18.78 24.68
CA LEU B 432 -20.72 17.77 23.73
C LEU B 432 -20.68 18.35 22.31
N ASP B 433 -19.70 17.90 21.53
CA ASP B 433 -19.57 18.34 20.13
C ASP B 433 -20.66 17.71 19.27
N LEU B 434 -20.86 16.41 19.44
CA LEU B 434 -21.80 15.64 18.64
C LEU B 434 -22.67 14.74 19.52
N VAL B 435 -23.95 14.69 19.20
CA VAL B 435 -24.93 14.04 20.05
C VAL B 435 -25.75 13.07 19.20
N LEU B 436 -25.43 11.79 19.32
CA LEU B 436 -26.22 10.73 18.72
C LEU B 436 -27.23 10.24 19.74
N VAL B 437 -28.47 10.07 19.31
CA VAL B 437 -29.47 9.40 20.12
C VAL B 437 -29.91 8.15 19.36
N SER B 438 -30.24 7.10 20.11
CA SER B 438 -30.69 5.85 19.50
C SER B 438 -31.34 4.91 20.51
N VAL B 439 -32.13 3.97 20.00
CA VAL B 439 -32.86 3.01 20.80
C VAL B 439 -32.04 1.74 21.03
N HIS B 440 -31.90 1.34 22.30
CA HIS B 440 -31.24 0.08 22.65
C HIS B 440 -32.07 -0.76 23.60
N SER B 441 -33.38 -0.55 23.59
CA SER B 441 -34.28 -1.25 24.51
C SER B 441 -35.72 -1.11 24.02
N ARG B 442 -36.61 -1.91 24.59
CA ARG B 442 -38.03 -1.87 24.23
C ARG B 442 -38.21 -1.88 22.71
N PHE B 443 -37.76 -2.94 22.07
CA PHE B 443 -37.75 -3.03 20.61
C PHE B 443 -39.12 -3.43 20.06
N ASN B 444 -39.92 -4.07 20.90
CA ASN B 444 -41.23 -4.58 20.50
C ASN B 444 -42.40 -3.72 21.01
N LEU B 445 -42.17 -2.42 21.21
CA LEU B 445 -43.27 -1.49 21.49
C LEU B 445 -44.18 -1.38 20.25
N PRO B 446 -45.44 -0.99 20.46
CA PRO B 446 -46.33 -0.80 19.30
C PRO B 446 -45.85 0.35 18.43
N LYS B 447 -46.21 0.29 17.15
CA LYS B 447 -45.82 1.31 16.16
C LYS B 447 -46.12 2.73 16.66
N ALA B 448 -47.31 2.93 17.21
CA ALA B 448 -47.73 4.25 17.69
C ALA B 448 -46.82 4.79 18.78
N ASP B 449 -46.59 3.98 19.81
CA ASP B 449 -45.76 4.39 20.95
C ASP B 449 -44.31 4.65 20.56
N GLN B 450 -43.76 3.75 19.74
CA GLN B 450 -42.38 3.88 19.29
C GLN B 450 -42.17 5.16 18.47
N THR B 451 -43.19 5.56 17.72
CA THR B 451 -43.11 6.78 16.91
C THR B 451 -43.03 8.02 17.79
N LYS B 452 -43.89 8.10 18.80
CA LYS B 452 -43.82 9.15 19.80
C LYS B 452 -42.43 9.25 20.43
N ARG B 453 -41.93 8.10 20.89
CA ARG B 453 -40.63 7.99 21.54
C ARG B 453 -39.54 8.68 20.71
N LEU B 454 -39.49 8.32 19.43
CA LEU B 454 -38.52 8.93 18.51
C LEU B 454 -38.83 10.40 18.26
N LEU B 455 -40.11 10.72 18.05
CA LEU B 455 -40.54 12.11 17.86
C LEU B 455 -40.20 12.97 19.07
N LYS B 456 -40.54 12.47 20.26
CA LYS B 456 -40.18 13.10 21.53
C LYS B 456 -38.67 13.29 21.62
N ALA B 457 -37.91 12.25 21.28
CA ALA B 457 -36.44 12.34 21.34
C ALA B 457 -35.90 13.42 20.40
N LEU B 458 -36.45 13.51 19.20
CA LEU B 458 -36.03 14.51 18.21
C LEU B 458 -36.43 15.94 18.59
N GLU B 459 -37.42 16.09 19.46
CA GLU B 459 -37.79 17.41 20.00
C GLU B 459 -36.67 18.03 20.85
N ASN B 460 -35.67 17.24 21.22
CA ASN B 460 -34.62 17.75 22.09
C ASN B 460 -33.62 18.68 21.38
N PRO B 461 -33.49 19.93 21.88
CA PRO B 461 -32.68 20.96 21.24
C PRO B 461 -31.25 20.56 20.85
N PHE B 462 -30.60 19.69 21.62
CA PHE B 462 -29.16 19.44 21.44
C PHE B 462 -28.82 18.17 20.65
N VAL B 463 -29.79 17.58 19.97
CA VAL B 463 -29.57 16.34 19.23
C VAL B 463 -29.10 16.63 17.80
N HIS B 464 -28.02 15.98 17.38
CA HIS B 464 -27.44 16.19 16.04
C HIS B 464 -27.82 15.09 15.05
N VAL B 465 -27.70 13.83 15.48
CA VAL B 465 -27.92 12.70 14.58
C VAL B 465 -28.83 11.64 15.21
N LEU B 466 -29.68 11.03 14.41
CA LEU B 466 -30.46 9.86 14.84
C LEU B 466 -29.71 8.61 14.42
N ALA B 467 -29.00 8.00 15.37
CA ALA B 467 -28.13 6.87 15.09
C ALA B 467 -28.92 5.61 14.77
N HIS B 468 -28.32 4.74 13.95
CA HIS B 468 -28.95 3.51 13.47
C HIS B 468 -30.45 3.44 13.77
N PRO B 469 -31.26 4.22 13.04
CA PRO B 469 -32.66 4.50 13.40
C PRO B 469 -33.59 3.31 13.68
N THR B 470 -33.53 2.28 12.85
CA THR B 470 -34.47 1.14 12.95
C THR B 470 -34.05 0.10 13.99
N ALA B 471 -32.81 0.21 14.48
CA ALA B 471 -32.31 -0.66 15.55
C ALA B 471 -32.18 -2.13 15.14
N ARG B 472 -32.20 -2.43 13.85
CA ARG B 472 -32.16 -3.82 13.40
C ARG B 472 -30.78 -4.45 13.60
N LEU B 473 -30.77 -5.77 13.76
CA LEU B 473 -29.55 -6.56 13.76
C LEU B 473 -29.71 -7.68 12.73
N LEU B 474 -28.97 -7.58 11.62
CA LEU B 474 -29.12 -8.53 10.51
C LEU B 474 -28.99 -9.98 10.98
N GLY B 475 -30.08 -10.74 10.82
CA GLY B 475 -30.14 -12.14 11.27
C GLY B 475 -30.29 -12.29 12.78
N ARG B 476 -30.89 -11.29 13.43
CA ARG B 476 -31.03 -11.27 14.88
C ARG B 476 -32.29 -10.58 15.36
N ARG B 477 -32.49 -9.35 14.92
CA ARG B 477 -33.59 -8.54 15.38
C ARG B 477 -34.20 -7.75 14.23
N ALA B 478 -35.48 -7.98 13.97
CA ALA B 478 -36.21 -7.16 13.01
C ALA B 478 -36.14 -5.70 13.44
N PRO B 479 -36.29 -4.77 12.48
CA PRO B 479 -36.32 -3.37 12.88
C PRO B 479 -37.51 -3.09 13.80
N ILE B 480 -37.36 -2.07 14.63
CA ILE B 480 -38.46 -1.64 15.49
C ILE B 480 -39.60 -1.12 14.60
N GLU B 481 -40.82 -1.22 15.09
CA GLU B 481 -41.98 -0.73 14.36
C GLU B 481 -42.06 0.78 14.54
N ALA B 482 -42.21 1.52 13.44
CA ALA B 482 -42.30 2.99 13.52
C ALA B 482 -42.76 3.61 12.21
N ASP B 483 -43.38 4.78 12.31
CA ASP B 483 -43.80 5.57 11.15
C ASP B 483 -42.63 6.42 10.69
N TRP B 484 -41.89 5.92 9.70
CA TRP B 484 -40.62 6.52 9.31
C TRP B 484 -40.75 7.84 8.56
N GLU B 485 -41.85 8.02 7.82
CA GLU B 485 -42.10 9.30 7.17
C GLU B 485 -42.33 10.38 8.20
N ALA B 486 -43.02 10.03 9.29
CA ALA B 486 -43.28 10.98 10.36
C ALA B 486 -41.99 11.29 11.13
N VAL B 487 -41.25 10.24 11.49
CA VAL B 487 -39.98 10.41 12.18
C VAL B 487 -38.99 11.23 11.36
N PHE B 488 -38.87 10.91 10.07
CA PHE B 488 -37.95 11.62 9.19
C PHE B 488 -38.39 13.06 8.98
N GLN B 489 -39.70 13.28 8.91
CA GLN B 489 -40.25 14.63 8.77
C GLN B 489 -39.79 15.50 9.93
N LYS B 490 -39.80 14.96 11.14
CA LYS B 490 -39.36 15.68 12.33
C LYS B 490 -37.86 15.94 12.32
N ALA B 491 -37.09 14.92 11.94
CA ALA B 491 -35.64 15.03 11.85
C ALA B 491 -35.24 16.16 10.90
N LYS B 492 -35.90 16.17 9.73
CA LYS B 492 -35.76 17.28 8.79
C LYS B 492 -36.10 18.60 9.47
N GLU B 493 -37.30 18.68 10.02
CA GLU B 493 -37.76 19.89 10.72
C GLU B 493 -36.83 20.41 11.82
N LYS B 494 -36.21 19.51 12.58
CA LYS B 494 -35.35 19.91 13.70
C LYS B 494 -33.86 19.96 13.32
N GLY B 495 -33.55 19.82 12.03
CA GLY B 495 -32.18 19.83 11.56
C GLY B 495 -31.34 18.67 12.09
N VAL B 496 -31.97 17.50 12.22
CA VAL B 496 -31.27 16.30 12.71
C VAL B 496 -30.94 15.35 11.55
N ALA B 497 -29.68 14.91 11.48
CA ALA B 497 -29.22 13.97 10.45
C ALA B 497 -29.61 12.53 10.79
N VAL B 498 -30.03 11.77 9.78
CA VAL B 498 -30.26 10.33 9.95
C VAL B 498 -28.97 9.57 9.62
N GLU B 499 -28.70 8.51 10.37
CA GLU B 499 -27.45 7.79 10.24
C GLU B 499 -27.55 6.60 9.30
N ILE B 500 -26.53 6.41 8.48
CA ILE B 500 -26.27 5.13 7.82
C ILE B 500 -25.10 4.50 8.56
N ASP B 501 -25.42 3.57 9.44
CA ASP B 501 -24.45 2.89 10.29
C ASP B 501 -23.93 1.68 9.54
N GLY B 502 -22.69 1.77 9.07
CA GLY B 502 -22.09 0.74 8.22
C GLY B 502 -21.58 -0.51 8.92
N TYR B 503 -21.69 -0.57 10.25
CA TYR B 503 -21.25 -1.76 11.01
C TYR B 503 -21.93 -2.99 10.43
N TYR B 504 -21.15 -4.06 10.24
CA TYR B 504 -21.58 -5.16 9.35
C TYR B 504 -22.96 -5.73 9.66
N ASP B 505 -23.31 -5.84 10.94
CA ASP B 505 -24.59 -6.45 11.32
C ASP B 505 -25.72 -5.43 11.60
N ARG B 506 -25.53 -4.19 11.17
CA ARG B 506 -26.60 -3.19 11.27
C ARG B 506 -27.03 -2.67 9.90
N MET B 507 -26.10 -2.05 9.17
CA MET B 507 -26.39 -1.42 7.87
C MET B 507 -27.70 -0.63 7.90
N ASP B 508 -27.79 0.26 8.90
CA ASP B 508 -29.02 0.93 9.27
C ASP B 508 -28.75 2.45 9.33
N LEU B 509 -29.46 3.28 8.56
CA LEU B 509 -30.60 2.89 7.72
C LEU B 509 -30.23 2.02 6.53
N PRO B 510 -31.14 1.10 6.17
CA PRO B 510 -30.97 0.32 4.96
C PRO B 510 -31.29 1.16 3.73
N ASP B 511 -30.86 0.68 2.58
CA ASP B 511 -30.98 1.41 1.30
C ASP B 511 -32.29 2.16 1.08
N ASP B 512 -33.42 1.46 1.07
CA ASP B 512 -34.70 2.12 0.70
C ASP B 512 -35.16 3.17 1.71
N LEU B 513 -35.00 2.90 3.00
CA LEU B 513 -35.26 3.92 4.01
C LEU B 513 -34.31 5.11 3.85
N ALA B 514 -33.03 4.83 3.61
CA ALA B 514 -32.04 5.88 3.37
C ALA B 514 -32.36 6.69 2.11
N ARG B 515 -32.92 6.04 1.10
CA ARG B 515 -33.36 6.73 -0.11
C ARG B 515 -34.59 7.61 0.19
N MET B 516 -35.57 7.04 0.89
CA MET B 516 -36.77 7.78 1.31
C MET B 516 -36.39 9.05 2.04
N ALA B 517 -35.43 8.92 2.96
CA ALA B 517 -35.00 10.04 3.81
C ALA B 517 -34.23 11.11 3.02
N TYR B 518 -33.39 10.68 2.08
CA TYR B 518 -32.63 11.62 1.25
C TYR B 518 -33.57 12.38 0.32
N GLY B 519 -34.51 11.67 -0.28
CA GLY B 519 -35.53 12.26 -1.13
C GLY B 519 -36.38 13.31 -0.45
N MET B 520 -36.65 13.12 0.85
CA MET B 520 -37.42 14.08 1.64
C MET B 520 -36.62 15.33 2.02
N GLY B 521 -35.31 15.31 1.81
CA GLY B 521 -34.45 16.47 2.03
C GLY B 521 -33.60 16.43 3.29
N LEU B 522 -33.47 15.27 3.92
CA LEU B 522 -32.74 15.15 5.17
C LEU B 522 -31.23 15.16 4.96
N TRP B 523 -30.51 15.53 6.01
CA TRP B 523 -29.06 15.35 6.05
C TRP B 523 -28.76 13.91 6.46
N ILE B 524 -27.58 13.41 6.06
CA ILE B 524 -27.18 12.04 6.33
C ILE B 524 -25.87 12.03 7.10
N SER B 525 -25.72 11.08 8.01
CA SER B 525 -24.46 10.85 8.73
C SER B 525 -24.00 9.41 8.49
N LEU B 526 -22.70 9.26 8.23
CA LEU B 526 -22.11 7.96 7.91
C LEU B 526 -21.19 7.55 9.04
N SER B 527 -21.28 6.30 9.47
CA SER B 527 -20.38 5.80 10.51
C SER B 527 -20.10 4.31 10.37
N THR B 528 -19.13 3.84 11.15
CA THR B 528 -18.83 2.42 11.23
C THR B 528 -19.22 1.79 12.56
N ASP B 529 -19.53 2.63 13.55
CA ASP B 529 -19.84 2.16 14.91
C ASP B 529 -18.69 1.31 15.44
N ALA B 530 -17.46 1.74 15.12
CA ALA B 530 -16.27 0.95 15.37
C ALA B 530 -15.99 0.77 16.86
N HIS B 531 -15.84 -0.48 17.29
CA HIS B 531 -15.40 -0.81 18.64
C HIS B 531 -13.94 -1.25 18.65
N GLN B 532 -13.33 -1.32 17.48
CA GLN B 532 -11.90 -1.53 17.32
C GLN B 532 -11.50 -0.97 15.96
N THR B 533 -10.21 -0.67 15.77
CA THR B 533 -9.77 0.08 14.59
C THR B 533 -9.94 -0.66 13.26
N ASP B 534 -10.07 -1.98 13.30
CA ASP B 534 -10.38 -2.75 12.09
C ASP B 534 -11.77 -2.45 11.54
N HIS B 535 -12.67 -2.05 12.44
CA HIS B 535 -14.06 -1.76 12.09
C HIS B 535 -14.20 -0.46 11.30
N LEU B 536 -13.19 0.41 11.37
CA LEU B 536 -13.17 1.66 10.59
C LEU B 536 -13.14 1.44 9.07
N ARG B 537 -12.80 0.22 8.64
CA ARG B 537 -12.80 -0.09 7.21
C ARG B 537 -14.22 -0.37 6.68
N PHE B 538 -15.21 -0.39 7.57
CA PHE B 538 -16.61 -0.56 7.16
C PHE B 538 -17.22 0.70 6.52
N MET B 539 -16.50 1.82 6.53
CA MET B 539 -17.01 3.05 5.93
C MET B 539 -17.44 2.78 4.49
N GLU B 540 -16.57 2.09 3.76
CA GLU B 540 -16.87 1.51 2.46
C GLU B 540 -18.30 0.96 2.33
N LEU B 541 -18.78 0.27 3.36
CA LEU B 541 -20.14 -0.29 3.36
C LEU B 541 -21.20 0.79 3.52
N ALA B 542 -20.90 1.80 4.34
CA ALA B 542 -21.81 2.94 4.53
C ALA B 542 -21.98 3.71 3.23
N VAL B 543 -20.86 4.03 2.59
CA VAL B 543 -20.89 4.65 1.27
C VAL B 543 -21.63 3.76 0.29
N GLY B 544 -21.28 2.48 0.30
CA GLY B 544 -21.96 1.49 -0.53
C GLY B 544 -23.47 1.54 -0.40
N THR B 545 -23.93 1.73 0.84
CA THR B 545 -25.37 1.79 1.13
C THR B 545 -25.98 3.11 0.67
N ALA B 546 -25.30 4.22 0.94
CA ALA B 546 -25.71 5.53 0.45
C ALA B 546 -25.90 5.51 -1.06
N GLN B 547 -24.95 4.90 -1.76
CA GLN B 547 -24.99 4.82 -3.22
C GLN B 547 -26.21 4.05 -3.75
N ARG B 548 -26.58 2.97 -3.07
CA ARG B 548 -27.82 2.25 -3.38
C ARG B 548 -29.04 3.12 -3.09
N ALA B 549 -28.89 4.08 -2.18
CA ALA B 549 -29.95 5.00 -1.81
C ALA B 549 -29.97 6.27 -2.68
N TRP B 550 -29.19 6.29 -3.75
CA TRP B 550 -29.10 7.45 -4.66
C TRP B 550 -28.54 8.72 -3.96
N ILE B 551 -27.82 8.55 -2.85
CA ILE B 551 -27.27 9.70 -2.11
C ILE B 551 -26.05 10.26 -2.83
N GLY B 552 -26.01 11.58 -3.00
CA GLY B 552 -24.84 12.28 -3.49
C GLY B 552 -24.11 12.94 -2.33
N PRO B 553 -23.03 13.67 -2.62
CA PRO B 553 -22.26 14.35 -1.58
C PRO B 553 -22.98 15.49 -0.83
N GLU B 554 -23.93 16.16 -1.48
CA GLU B 554 -24.69 17.24 -0.80
C GLU B 554 -25.52 16.61 0.31
N ARG B 555 -25.65 17.33 1.42
CA ARG B 555 -26.41 16.89 2.58
C ARG B 555 -25.84 15.64 3.28
N VAL B 556 -24.55 15.35 3.07
CA VAL B 556 -23.86 14.30 3.82
C VAL B 556 -22.84 15.00 4.72
N LEU B 557 -22.97 14.79 6.03
CA LEU B 557 -22.16 15.53 7.00
C LEU B 557 -20.66 15.23 6.87
N ASN B 558 -20.33 14.04 6.39
CA ASN B 558 -18.94 13.57 6.36
C ASN B 558 -18.16 14.16 5.20
N THR B 559 -18.84 14.86 4.28
CA THR B 559 -18.17 15.52 3.17
C THR B 559 -17.74 16.95 3.52
N LEU B 560 -18.38 17.54 4.52
CA LEU B 560 -17.98 18.85 5.02
C LEU B 560 -16.59 18.76 5.64
N ASP B 561 -15.80 19.81 5.48
CA ASP B 561 -14.51 19.88 6.16
C ASP B 561 -14.76 20.16 7.65
N TYR B 562 -13.71 20.11 8.45
CA TYR B 562 -13.85 20.17 9.90
C TYR B 562 -14.54 21.46 10.38
N GLU B 563 -14.10 22.62 9.90
CA GLU B 563 -14.72 23.89 10.31
C GLU B 563 -16.16 23.99 9.85
N ASP B 564 -16.44 23.57 8.62
CA ASP B 564 -17.82 23.55 8.10
C ASP B 564 -18.70 22.60 8.92
N LEU B 565 -18.14 21.49 9.37
CA LEU B 565 -18.87 20.55 10.23
C LEU B 565 -19.20 21.20 11.57
N LEU B 566 -18.21 21.86 12.17
CA LEU B 566 -18.42 22.59 13.42
C LEU B 566 -19.49 23.68 13.26
N SER B 567 -19.44 24.41 12.15
CA SER B 567 -20.43 25.44 11.86
C SER B 567 -21.83 24.84 11.89
N TRP B 568 -22.00 23.72 11.18
CA TRP B 568 -23.28 23.03 11.09
C TRP B 568 -23.79 22.57 12.46
N LEU B 569 -22.92 21.93 13.23
CA LEU B 569 -23.31 21.40 14.53
C LEU B 569 -23.66 22.50 15.53
N LYS B 570 -22.85 23.56 15.59
CA LYS B 570 -23.08 24.64 16.55
C LYS B 570 -24.25 25.54 16.11
N ALA B 571 -24.56 25.53 14.81
CA ALA B 571 -25.81 26.09 14.32
C ALA B 571 -26.96 25.29 14.92
N ARG B 572 -28.12 25.93 15.08
CA ARG B 572 -29.26 25.31 15.77
C ARG B 572 -30.58 25.57 15.04
#